data_7RLM
#
_entry.id   7RLM
#
_cell.length_a   36.863
_cell.length_b   67.479
_cell.length_c   75.887
_cell.angle_alpha   79.670
_cell.angle_beta   76.219
_cell.angle_gamma   81.673
#
_symmetry.space_group_name_H-M   'P 1'
#
loop_
_entity.id
_entity.type
_entity.pdbx_description
1 polymer 'Coat protein'
2 non-polymer 'BROMIDE ION'
3 water water
#
_entity_poly.entity_id   1
_entity_poly.type   'polypeptide(L)'
_entity_poly.pdbx_seq_one_letter_code
;PSSETFVFTKDNLVGNTQGSFTFGPSLSDCPAFKDGILKAYHEYKITSILLQFVSEASSTSSGSIAYELDPHCKVSSLQS
YVNKFQITKGGAKTYQARMINGVEWHDSSEDQCRILWKGNGKSSDPAGSFRVTIKVALQNPK
;
_entity_poly.pdbx_strand_id   B,A,C,D,E,F
#
# COMPACT_ATOMS: atom_id res chain seq x y z
N SER A 2 -0.07 -17.76 18.40
CA SER A 2 -0.50 -16.89 19.49
C SER A 2 -1.96 -16.49 19.33
N SER A 3 -2.67 -16.36 20.45
CA SER A 3 -4.08 -15.97 20.43
C SER A 3 -4.36 -15.11 21.65
N GLU A 4 -5.10 -14.01 21.44
CA GLU A 4 -5.28 -13.00 22.47
C GLU A 4 -6.68 -12.42 22.38
N THR A 5 -7.18 -11.91 23.52
CA THR A 5 -8.47 -11.26 23.59
C THR A 5 -8.29 -9.85 24.13
N PHE A 6 -8.99 -8.89 23.52
CA PHE A 6 -9.00 -7.50 23.96
C PHE A 6 -10.44 -7.04 24.11
N VAL A 7 -10.71 -6.31 25.19
CA VAL A 7 -12.01 -5.70 25.45
C VAL A 7 -11.82 -4.20 25.49
N PHE A 8 -12.67 -3.47 24.79
CA PHE A 8 -12.65 -2.02 24.88
C PHE A 8 -14.08 -1.51 24.82
N THR A 9 -14.26 -0.25 25.20
CA THR A 9 -15.58 0.33 25.28
C THR A 9 -15.63 1.63 24.49
N LYS A 10 -16.85 2.01 24.11
CA LYS A 10 -17.17 3.31 23.55
C LYS A 10 -18.29 3.84 24.43
N ASP A 11 -18.01 4.86 25.21
CA ASP A 11 -18.90 5.26 26.30
C ASP A 11 -19.65 6.54 25.97
N ASN A 12 -20.68 6.80 26.79
CA ASN A 12 -21.41 8.06 26.76
C ASN A 12 -22.17 8.25 25.46
N LEU A 13 -22.64 7.16 24.87
CA LEU A 13 -23.47 7.27 23.67
C LEU A 13 -24.79 7.92 24.04
N VAL A 14 -25.26 8.83 23.18
CA VAL A 14 -26.60 9.39 23.32
C VAL A 14 -27.44 8.88 22.16
N GLY A 15 -28.70 9.29 22.11
CA GLY A 15 -29.65 8.68 21.19
C GLY A 15 -29.30 8.78 19.72
N ASN A 16 -28.59 9.85 19.32
CA ASN A 16 -28.20 10.05 17.91
C ASN A 16 -26.71 9.80 17.66
N THR A 17 -26.03 9.11 18.55
CA THR A 17 -24.60 8.85 18.38
C THR A 17 -24.33 8.16 17.04
N GLN A 18 -23.24 8.57 16.38
CA GLN A 18 -22.81 7.94 15.13
C GLN A 18 -21.30 7.80 15.15
N GLY A 19 -20.80 6.70 14.59
CA GLY A 19 -19.37 6.48 14.61
C GLY A 19 -19.01 5.17 13.96
N SER A 20 -17.74 4.81 14.08
CA SER A 20 -17.25 3.56 13.51
C SER A 20 -16.05 3.07 14.29
N PHE A 21 -15.86 1.74 14.26
CA PHE A 21 -14.63 1.07 14.68
C PHE A 21 -14.00 0.49 13.43
N THR A 22 -12.74 0.83 13.16
CA THR A 22 -11.98 0.20 12.08
C THR A 22 -10.95 -0.70 12.72
N PHE A 23 -11.12 -2.01 12.54
CA PHE A 23 -10.34 -3.02 13.25
C PHE A 23 -9.04 -3.28 12.50
N GLY A 24 -7.93 -3.07 13.20
CA GLY A 24 -6.62 -3.08 12.61
C GLY A 24 -5.80 -1.96 13.22
N PRO A 25 -4.79 -1.47 12.49
CA PRO A 25 -4.00 -0.35 12.99
C PRO A 25 -4.80 0.92 13.20
N SER A 26 -6.00 1.03 12.63
CA SER A 26 -6.85 2.20 12.81
C SER A 26 -7.76 2.10 14.03
N LEU A 27 -7.59 1.07 14.88
CA LEU A 27 -8.49 0.87 16.02
C LEU A 27 -8.04 1.74 17.20
N SER A 28 -8.32 3.03 17.07
CA SER A 28 -7.96 4.02 18.08
C SER A 28 -8.56 3.70 19.43
N ASP A 29 -9.76 3.11 19.46
CA ASP A 29 -10.41 2.85 20.73
C ASP A 29 -9.76 1.71 21.52
N CYS A 30 -8.79 0.99 20.94
CA CYS A 30 -8.08 -0.07 21.65
C CYS A 30 -6.58 0.13 21.47
N PRO A 31 -6.00 1.13 22.14
CA PRO A 31 -4.55 1.39 21.98
C PRO A 31 -3.66 0.21 22.34
N ALA A 32 -4.08 -0.62 23.29
CA ALA A 32 -3.27 -1.77 23.66
C ALA A 32 -3.09 -2.75 22.50
N PHE A 33 -4.11 -2.90 21.66
CA PHE A 33 -3.96 -3.73 20.47
C PHE A 33 -3.16 -3.00 19.39
N LYS A 34 -3.58 -1.80 19.00
CA LYS A 34 -2.99 -1.13 17.85
C LYS A 34 -1.57 -0.64 18.11
N ASP A 35 -1.24 -0.26 19.35
CA ASP A 35 0.09 0.25 19.64
C ASP A 35 1.03 -0.80 20.23
N GLY A 36 0.49 -1.89 20.76
CA GLY A 36 1.35 -2.87 21.40
C GLY A 36 1.49 -4.12 20.57
N ILE A 37 0.51 -5.01 20.72
CA ILE A 37 0.56 -6.34 20.10
C ILE A 37 0.77 -6.25 18.60
N LEU A 38 0.09 -5.31 17.94
CA LEU A 38 0.15 -5.21 16.49
C LEU A 38 1.53 -4.78 15.98
N LYS A 39 2.33 -4.15 16.82
CA LYS A 39 3.69 -3.77 16.45
C LYS A 39 4.70 -4.88 16.65
N ALA A 40 4.30 -6.00 17.25
CA ALA A 40 5.22 -7.08 17.59
C ALA A 40 5.12 -8.27 16.65
N TYR A 41 4.19 -8.25 15.68
CA TYR A 41 4.00 -9.37 14.78
C TYR A 41 3.82 -8.87 13.36
N HIS A 42 4.20 -9.71 12.40
CA HIS A 42 4.02 -9.37 11.00
C HIS A 42 2.57 -9.51 10.56
N GLU A 43 1.81 -10.45 11.13
CA GLU A 43 0.49 -10.80 10.63
C GLU A 43 -0.49 -10.96 11.78
N TYR A 44 -1.75 -10.65 11.50
CA TYR A 44 -2.82 -10.82 12.48
C TYR A 44 -4.11 -11.17 11.74
N LYS A 45 -5.06 -11.74 12.47
CA LYS A 45 -6.43 -11.81 12.00
C LYS A 45 -7.35 -11.83 13.20
N ILE A 46 -8.39 -11.01 13.11
CA ILE A 46 -9.40 -10.95 14.16
C ILE A 46 -10.42 -12.02 13.80
N THR A 47 -10.46 -13.08 14.61
CA THR A 47 -11.23 -14.26 14.28
C THR A 47 -12.65 -14.18 14.80
N SER A 48 -12.94 -13.28 15.73
CA SER A 48 -14.34 -13.06 16.11
C SER A 48 -14.46 -11.74 16.84
N ILE A 49 -15.65 -11.14 16.76
CA ILE A 49 -15.94 -9.85 17.37
C ILE A 49 -17.26 -9.98 18.09
N LEU A 50 -17.29 -9.60 19.37
CA LEU A 50 -18.52 -9.51 20.14
C LEU A 50 -18.83 -8.03 20.31
N LEU A 51 -19.97 -7.60 19.78
CA LEU A 51 -20.45 -6.23 19.86
C LEU A 51 -21.62 -6.23 20.83
N GLN A 52 -21.46 -5.59 21.97
CA GLN A 52 -22.52 -5.52 22.98
C GLN A 52 -22.92 -4.07 23.17
N PHE A 53 -24.22 -3.81 23.17
CA PHE A 53 -24.73 -2.49 23.52
C PHE A 53 -25.31 -2.60 24.92
N VAL A 54 -24.79 -1.82 25.85
CA VAL A 54 -25.22 -1.83 27.24
C VAL A 54 -26.02 -0.56 27.48
N SER A 55 -27.31 -0.72 27.77
CA SER A 55 -28.21 0.42 27.85
C SER A 55 -28.10 1.11 29.21
N GLU A 56 -28.06 2.44 29.19
CA GLU A 56 -28.26 3.27 30.37
C GLU A 56 -29.52 4.10 30.24
N ALA A 57 -30.37 3.75 29.29
CA ALA A 57 -31.47 4.63 28.91
C ALA A 57 -32.63 4.54 29.88
N SER A 58 -33.41 5.61 29.91
CA SER A 58 -34.66 5.65 30.67
C SER A 58 -35.60 4.55 30.17
N SER A 59 -36.41 4.02 31.11
CA SER A 59 -37.45 3.07 30.76
C SER A 59 -38.38 3.65 29.70
N THR A 60 -38.50 4.97 29.66
CA THR A 60 -39.37 5.66 28.72
C THR A 60 -38.62 6.21 27.52
N SER A 61 -37.38 5.74 27.31
CA SER A 61 -36.61 6.23 26.19
CA SER A 61 -36.61 6.23 26.19
C SER A 61 -37.14 5.64 24.88
N SER A 62 -36.58 6.08 23.78
CA SER A 62 -37.08 5.71 22.46
C SER A 62 -35.91 5.55 21.51
N GLY A 63 -36.19 4.88 20.38
CA GLY A 63 -35.25 4.82 19.29
C GLY A 63 -34.36 3.59 19.30
N SER A 64 -33.53 3.51 18.27
CA SER A 64 -32.63 2.38 18.10
C SER A 64 -31.27 2.85 17.62
N ILE A 65 -30.27 2.00 17.82
CA ILE A 65 -28.93 2.25 17.29
C ILE A 65 -28.67 1.20 16.24
N ALA A 66 -28.67 1.62 14.98
CA ALA A 66 -28.36 0.72 13.88
C ALA A 66 -26.87 0.41 13.87
N TYR A 67 -26.51 -0.80 13.45
CA TYR A 67 -25.10 -1.14 13.31
C TYR A 67 -24.91 -1.95 12.03
N GLU A 68 -23.73 -1.79 11.42
CA GLU A 68 -23.44 -2.34 10.10
C GLU A 68 -22.02 -2.86 10.10
N LEU A 69 -21.85 -4.08 9.61
CA LEU A 69 -20.51 -4.70 9.49
C LEU A 69 -20.05 -4.50 8.05
N ASP A 70 -18.94 -3.81 7.88
CA ASP A 70 -18.34 -3.48 6.57
C ASP A 70 -17.06 -4.32 6.47
N PRO A 71 -17.11 -5.52 5.87
CA PRO A 71 -15.97 -6.42 5.95
C PRO A 71 -14.74 -6.02 5.13
N HIS A 72 -14.88 -5.09 4.21
CA HIS A 72 -13.72 -4.68 3.38
C HIS A 72 -13.44 -3.18 3.50
N CYS A 73 -14.00 -2.50 4.51
CA CYS A 73 -13.64 -1.12 4.80
C CYS A 73 -14.01 -0.21 3.63
N LYS A 74 -15.16 -0.47 3.01
CA LYS A 74 -15.64 0.30 1.86
C LYS A 74 -16.81 1.21 2.21
N VAL A 75 -17.28 1.19 3.45
CA VAL A 75 -18.43 1.98 3.87
C VAL A 75 -17.90 3.02 4.87
N SER A 76 -18.15 4.29 4.58
CA SER A 76 -17.63 5.39 5.38
CA SER A 76 -17.62 5.36 5.41
C SER A 76 -18.55 5.78 6.52
N SER A 77 -19.85 5.71 6.31
CA SER A 77 -20.82 6.00 7.36
C SER A 77 -21.98 5.04 7.15
N LEU A 78 -22.69 4.72 8.24
CA LEU A 78 -23.71 3.69 8.18
C LEU A 78 -24.73 3.97 7.09
N GLN A 79 -24.98 2.96 6.26
CA GLN A 79 -26.00 3.05 5.22
C GLN A 79 -27.11 2.04 5.40
N SER A 80 -26.83 0.91 6.02
CA SER A 80 -27.82 -0.15 6.16
C SER A 80 -28.40 -0.13 7.57
N TYR A 81 -29.72 0.01 7.67
CA TYR A 81 -30.40 -0.02 8.96
C TYR A 81 -30.96 -1.41 9.27
N VAL A 82 -30.45 -2.44 8.59
CA VAL A 82 -31.00 -3.79 8.71
C VAL A 82 -30.95 -4.28 10.15
N ASN A 83 -29.82 -4.09 10.82
CA ASN A 83 -29.57 -4.57 12.17
C ASN A 83 -29.57 -3.39 13.14
N LYS A 84 -30.20 -3.56 14.30
CA LYS A 84 -30.22 -2.47 15.25
C LYS A 84 -30.48 -2.99 16.66
N PHE A 85 -30.01 -2.22 17.62
CA PHE A 85 -30.29 -2.43 19.03
C PHE A 85 -31.33 -1.40 19.46
N GLN A 86 -32.39 -1.86 20.12
CA GLN A 86 -33.32 -0.92 20.72
C GLN A 86 -32.66 -0.25 21.91
N ILE A 87 -32.79 1.07 22.02
CA ILE A 87 -32.00 1.79 23.01
C ILE A 87 -32.37 1.38 24.42
N THR A 88 -33.65 1.09 24.67
CA THR A 88 -34.06 0.73 26.02
C THR A 88 -33.62 -0.68 26.41
N LYS A 89 -33.30 -1.52 25.45
CA LYS A 89 -33.02 -2.93 25.74
C LYS A 89 -31.56 -3.28 25.67
N GLY A 90 -30.80 -2.64 24.82
CA GLY A 90 -29.48 -3.12 24.55
C GLY A 90 -29.55 -4.38 23.71
N GLY A 91 -28.39 -5.00 23.54
CA GLY A 91 -28.31 -6.21 22.75
C GLY A 91 -26.87 -6.64 22.61
N ALA A 92 -26.70 -7.73 21.87
CA ALA A 92 -25.37 -8.26 21.60
C ALA A 92 -25.38 -8.97 20.26
N LYS A 93 -24.24 -8.93 19.58
CA LYS A 93 -24.10 -9.63 18.31
C LYS A 93 -22.69 -10.19 18.26
N THR A 94 -22.56 -11.50 18.02
CA THR A 94 -21.27 -12.13 17.80
C THR A 94 -21.05 -12.29 16.30
N TYR A 95 -19.89 -11.87 15.82
CA TYR A 95 -19.51 -12.00 14.42
C TYR A 95 -18.46 -13.08 14.29
N GLN A 96 -18.67 -14.01 13.37
CA GLN A 96 -17.73 -15.07 13.07
C GLN A 96 -16.74 -14.63 12.00
N ALA A 97 -15.62 -15.36 11.91
CA ALA A 97 -14.53 -15.03 11.00
C ALA A 97 -15.00 -14.86 9.57
N ARG A 98 -15.88 -15.75 9.10
CA ARG A 98 -16.29 -15.72 7.71
C ARG A 98 -17.06 -14.45 7.37
N MET A 99 -17.60 -13.77 8.39
CA MET A 99 -18.42 -12.56 8.31
CA MET A 99 -18.35 -12.57 8.08
C MET A 99 -17.56 -11.29 8.26
N ILE A 100 -16.34 -11.35 8.80
CA ILE A 100 -15.59 -10.13 9.14
C ILE A 100 -14.21 -10.10 8.49
N ASN A 101 -14.01 -10.85 7.39
CA ASN A 101 -12.71 -10.86 6.72
C ASN A 101 -11.63 -11.35 7.68
N GLY A 102 -11.99 -12.33 8.53
CA GLY A 102 -11.10 -12.85 9.54
C GLY A 102 -10.61 -14.25 9.24
N VAL A 103 -10.73 -14.66 7.98
CA VAL A 103 -10.26 -15.98 7.57
C VAL A 103 -8.82 -15.91 7.10
N GLU A 104 -8.45 -14.85 6.37
CA GLU A 104 -7.10 -14.71 5.83
C GLU A 104 -6.24 -13.89 6.77
N TRP A 105 -4.94 -14.21 6.81
CA TRP A 105 -3.99 -13.43 7.57
C TRP A 105 -3.80 -12.06 6.92
N HIS A 106 -3.66 -11.03 7.75
CA HIS A 106 -3.47 -9.66 7.28
C HIS A 106 -2.15 -9.12 7.75
N ASP A 107 -1.51 -8.33 6.89
CA ASP A 107 -0.33 -7.60 7.32
C ASP A 107 -0.73 -6.61 8.40
N SER A 108 0.13 -6.48 9.41
CA SER A 108 -0.20 -5.66 10.57
C SER A 108 -0.32 -4.17 10.24
N SER A 109 0.07 -3.74 9.03
CA SER A 109 -0.14 -2.38 8.60
C SER A 109 -1.50 -2.17 7.92
N GLU A 110 -2.29 -3.22 7.76
CA GLU A 110 -3.55 -3.12 7.01
C GLU A 110 -4.74 -3.39 7.92
N ASP A 111 -5.82 -2.65 7.71
CA ASP A 111 -7.06 -2.84 8.45
C ASP A 111 -7.85 -4.02 7.90
N GLN A 112 -8.59 -4.69 8.77
CA GLN A 112 -9.35 -5.88 8.41
C GLN A 112 -10.81 -5.59 8.06
N CYS A 113 -11.52 -4.88 8.94
CA CYS A 113 -12.96 -4.68 8.75
C CYS A 113 -13.37 -3.48 9.57
N ARG A 114 -14.67 -3.13 9.48
CA ARG A 114 -15.20 -1.94 10.11
C ARG A 114 -16.61 -2.23 10.61
N ILE A 115 -16.93 -1.74 11.80
CA ILE A 115 -18.31 -1.69 12.29
C ILE A 115 -18.71 -0.22 12.36
N LEU A 116 -19.87 0.10 11.82
CA LEU A 116 -20.42 1.45 11.86
C LEU A 116 -21.71 1.42 12.66
N TRP A 117 -22.01 2.55 13.33
CA TRP A 117 -23.28 2.66 14.04
C TRP A 117 -23.89 4.02 13.81
N LYS A 118 -25.19 4.10 14.05
CA LYS A 118 -25.93 5.37 13.93
C LYS A 118 -27.24 5.23 14.68
N GLY A 119 -27.42 6.04 15.72
CA GLY A 119 -28.67 6.08 16.46
C GLY A 119 -29.68 7.06 15.88
N ASN A 120 -30.97 6.74 16.06
CA ASN A 120 -32.05 7.62 15.64
C ASN A 120 -32.85 8.14 16.84
N GLY A 121 -32.34 7.95 18.05
CA GLY A 121 -32.95 8.49 19.24
C GLY A 121 -32.61 9.95 19.45
N LYS A 122 -32.92 10.43 20.65
CA LYS A 122 -32.79 11.85 20.98
C LYS A 122 -31.38 12.16 21.46
N SER A 123 -30.81 13.24 20.93
CA SER A 123 -29.47 13.64 21.33
C SER A 123 -29.42 14.09 22.79
N SER A 124 -30.54 14.54 23.35
CA SER A 124 -30.55 14.96 24.74
C SER A 124 -30.50 13.79 25.72
N ASP A 125 -30.72 12.55 25.26
CA ASP A 125 -30.94 11.44 26.18
C ASP A 125 -29.81 10.42 26.16
N PRO A 126 -29.18 10.14 27.29
CA PRO A 126 -28.17 9.09 27.33
C PRO A 126 -28.73 7.76 26.84
N ALA A 127 -27.96 7.09 25.97
CA ALA A 127 -28.36 5.78 25.46
C ALA A 127 -27.62 4.63 26.15
N GLY A 128 -26.30 4.73 26.27
CA GLY A 128 -25.52 3.68 26.87
C GLY A 128 -24.09 3.67 26.30
N SER A 129 -23.55 2.47 26.14
CA SER A 129 -22.16 2.30 25.75
C SER A 129 -22.05 1.03 24.92
N PHE A 130 -20.98 0.94 24.12
CA PHE A 130 -20.59 -0.30 23.48
C PHE A 130 -19.49 -0.95 24.29
N ARG A 131 -19.56 -2.28 24.42
CA ARG A 131 -18.45 -3.07 24.91
C ARG A 131 -18.09 -4.03 23.78
N VAL A 132 -16.85 -3.98 23.32
CA VAL A 132 -16.41 -4.70 22.14
C VAL A 132 -15.31 -5.66 22.56
N THR A 133 -15.46 -6.93 22.20
CA THR A 133 -14.44 -7.93 22.48
C THR A 133 -13.91 -8.46 21.15
N ILE A 134 -12.60 -8.42 20.97
CA ILE A 134 -11.98 -8.99 19.77
C ILE A 134 -11.10 -10.16 20.19
N LYS A 135 -11.15 -11.21 19.37
CA LYS A 135 -10.29 -12.41 19.51
C LYS A 135 -9.31 -12.31 18.33
N VAL A 136 -8.02 -12.29 18.62
CA VAL A 136 -7.00 -12.01 17.61
C VAL A 136 -5.96 -13.12 17.59
N ALA A 137 -5.73 -13.67 16.41
CA ALA A 137 -4.61 -14.58 16.17
C ALA A 137 -3.45 -13.77 15.61
N LEU A 138 -2.24 -14.10 16.05
CA LEU A 138 -1.06 -13.38 15.58
C LEU A 138 0.02 -14.39 15.23
N GLN A 139 0.86 -14.03 14.25
CA GLN A 139 1.99 -14.89 13.97
C GLN A 139 3.12 -14.10 13.34
N ASN A 140 4.30 -14.73 13.33
CA ASN A 140 5.54 -14.22 12.75
C ASN A 140 6.08 -13.02 13.52
N PRO A 141 6.68 -13.24 14.69
CA PRO A 141 7.09 -12.10 15.52
C PRO A 141 8.06 -11.16 14.82
N LYS A 142 7.95 -9.89 15.19
CA LYS A 142 8.80 -8.81 14.70
C LYS A 142 9.81 -8.41 15.77
N PRO B 1 -18.70 3.05 -6.09
CA PRO B 1 -17.83 3.79 -5.17
C PRO B 1 -16.40 3.30 -5.18
N SER B 2 -15.52 3.99 -4.45
CA SER B 2 -14.14 3.53 -4.32
C SER B 2 -13.58 4.02 -2.99
N SER B 3 -12.80 3.16 -2.33
CA SER B 3 -12.04 3.55 -1.15
C SER B 3 -10.60 3.11 -1.34
N GLU B 4 -9.68 4.08 -1.30
CA GLU B 4 -8.28 3.80 -1.58
C GLU B 4 -7.40 4.39 -0.48
N THR B 5 -6.15 3.95 -0.48
CA THR B 5 -5.16 4.39 0.47
C THR B 5 -4.00 5.00 -0.30
N PHE B 6 -3.50 6.14 0.18
CA PHE B 6 -2.35 6.80 -0.41
C PHE B 6 -1.31 7.03 0.68
N VAL B 7 -0.04 6.83 0.33
CA VAL B 7 1.08 7.13 1.21
C VAL B 7 1.95 8.16 0.51
N PHE B 8 2.29 9.24 1.21
CA PHE B 8 3.23 10.22 0.68
C PHE B 8 4.18 10.64 1.79
N THR B 9 5.27 11.27 1.41
CA THR B 9 6.25 11.72 2.40
C THR B 9 6.62 13.17 2.17
N LYS B 10 7.13 13.79 3.23
CA LYS B 10 7.75 15.10 3.18
C LYS B 10 9.09 14.95 3.86
N ASP B 11 10.16 15.11 3.10
CA ASP B 11 11.50 14.76 3.54
C ASP B 11 12.31 16.01 3.85
N ASN B 12 13.46 15.77 4.48
CA ASN B 12 14.45 16.81 4.75
C ASN B 12 13.94 17.88 5.72
N LEU B 13 13.15 17.46 6.71
CA LEU B 13 12.82 18.36 7.81
C LEU B 13 14.07 18.65 8.63
N VAL B 14 14.24 19.90 9.03
CA VAL B 14 15.28 20.29 9.98
C VAL B 14 14.62 20.77 11.26
N GLY B 15 15.45 21.17 12.24
CA GLY B 15 14.94 21.40 13.58
C GLY B 15 13.90 22.51 13.66
N ASN B 16 13.99 23.53 12.79
CA ASN B 16 13.07 24.68 12.81
C ASN B 16 12.09 24.66 11.65
N THR B 17 11.94 23.51 10.99
CA THR B 17 11.03 23.38 9.86
C THR B 17 9.61 23.79 10.25
N GLN B 18 8.92 24.46 9.34
CA GLN B 18 7.52 24.77 9.56
CA GLN B 18 7.53 24.85 9.55
C GLN B 18 6.79 24.78 8.23
N GLY B 19 5.59 24.20 8.24
CA GLY B 19 4.82 24.10 7.02
C GLY B 19 3.47 23.50 7.31
N SER B 20 2.80 23.02 6.26
CA SER B 20 1.46 22.48 6.41
C SER B 20 1.14 21.51 5.26
N PHE B 21 0.24 20.57 5.55
CA PHE B 21 -0.44 19.75 4.55
C PHE B 21 -1.90 20.17 4.52
N THR B 22 -2.40 20.52 3.33
CA THR B 22 -3.82 20.80 3.14
C THR B 22 -4.41 19.66 2.32
N PHE B 23 -5.32 18.93 2.95
CA PHE B 23 -5.83 17.69 2.36
C PHE B 23 -6.98 17.99 1.43
N GLY B 24 -6.79 17.62 0.16
CA GLY B 24 -7.76 17.92 -0.87
C GLY B 24 -7.02 18.31 -2.11
N PRO B 25 -7.63 19.15 -2.95
CA PRO B 25 -6.92 19.62 -4.16
C PRO B 25 -5.63 20.37 -3.85
N SER B 26 -5.45 20.90 -2.64
CA SER B 26 -4.23 21.61 -2.31
C SER B 26 -3.10 20.71 -1.82
N LEU B 27 -3.26 19.38 -1.89
CA LEU B 27 -2.26 18.45 -1.35
C LEU B 27 -1.15 18.25 -2.39
N SER B 28 -0.25 19.22 -2.44
CA SER B 28 0.81 19.21 -3.45
C SER B 28 1.71 18.00 -3.31
N ASP B 29 1.84 17.44 -2.10
CA ASP B 29 2.77 16.34 -1.88
C ASP B 29 2.22 14.98 -2.29
N CYS B 30 1.02 14.88 -2.87
CA CYS B 30 0.47 13.58 -3.27
C CYS B 30 -0.26 13.71 -4.60
N PRO B 31 0.49 13.84 -5.71
CA PRO B 31 -0.15 13.96 -7.02
C PRO B 31 -1.06 12.80 -7.39
N ALA B 32 -0.76 11.59 -6.90
CA ALA B 32 -1.62 10.45 -7.21
C ALA B 32 -3.04 10.69 -6.71
N PHE B 33 -3.16 11.36 -5.57
CA PHE B 33 -4.47 11.73 -5.04
C PHE B 33 -5.03 12.95 -5.77
N LYS B 34 -4.35 14.09 -5.67
CA LYS B 34 -4.99 15.35 -6.05
C LYS B 34 -5.08 15.54 -7.57
N ASP B 35 -4.17 14.93 -8.33
CA ASP B 35 -4.22 14.98 -9.78
C ASP B 35 -4.66 13.67 -10.41
N GLY B 36 -4.88 12.64 -9.60
CA GLY B 36 -5.29 11.35 -10.11
C GLY B 36 -6.72 11.07 -9.73
N ILE B 37 -6.93 10.33 -8.65
CA ILE B 37 -8.26 9.81 -8.33
C ILE B 37 -9.25 10.93 -8.01
N LEU B 38 -8.76 12.09 -7.57
CA LEU B 38 -9.65 13.22 -7.34
C LEU B 38 -10.28 13.73 -8.63
N LYS B 39 -9.60 13.57 -9.75
CA LYS B 39 -10.18 14.05 -11.03
C LYS B 39 -11.20 13.06 -11.58
N ALA B 40 -11.33 11.90 -10.96
CA ALA B 40 -12.25 10.89 -11.45
C ALA B 40 -13.59 10.89 -10.74
N TYR B 41 -13.79 11.72 -9.72
CA TYR B 41 -14.98 11.64 -8.89
C TYR B 41 -15.47 13.03 -8.52
N HIS B 42 -16.78 13.14 -8.28
CA HIS B 42 -17.38 14.41 -7.91
C HIS B 42 -17.18 14.74 -6.44
N GLU B 43 -17.17 13.73 -5.57
CA GLU B 43 -16.99 14.01 -4.15
C GLU B 43 -16.07 12.98 -3.52
N TYR B 44 -15.54 13.36 -2.37
CA TYR B 44 -14.58 12.54 -1.65
C TYR B 44 -14.69 12.87 -0.17
N LYS B 45 -14.17 11.98 0.66
CA LYS B 45 -13.83 12.35 2.02
C LYS B 45 -12.68 11.49 2.48
N ILE B 46 -11.76 12.12 3.20
CA ILE B 46 -10.64 11.42 3.79
C ILE B 46 -11.10 10.93 5.15
N THR B 47 -11.12 9.61 5.33
CA THR B 47 -11.72 9.04 6.52
C THR B 47 -10.70 8.67 7.59
N SER B 48 -9.41 8.72 7.28
CA SER B 48 -8.40 8.53 8.30
C SER B 48 -7.08 9.08 7.79
N ILE B 49 -6.28 9.59 8.73
CA ILE B 49 -4.95 10.10 8.44
C ILE B 49 -4.00 9.53 9.48
N LEU B 50 -2.94 8.88 9.03
CA LEU B 50 -1.86 8.44 9.90
C LEU B 50 -0.67 9.35 9.63
N LEU B 51 -0.25 10.11 10.63
CA LEU B 51 0.86 11.04 10.51
C LEU B 51 2.03 10.47 11.30
N GLN B 52 3.07 10.05 10.58
CA GLN B 52 4.27 9.47 11.19
C GLN B 52 5.43 10.43 11.01
N PHE B 53 6.12 10.74 12.10
CA PHE B 53 7.40 11.44 12.02
C PHE B 53 8.51 10.41 12.19
N VAL B 54 9.35 10.28 11.18
CA VAL B 54 10.50 9.36 11.20
C VAL B 54 11.76 10.18 11.41
N SER B 55 12.43 9.98 12.54
CA SER B 55 13.64 10.74 12.87
C SER B 55 14.88 10.27 12.12
N GLU B 56 15.66 11.22 11.63
CA GLU B 56 17.04 11.00 11.21
C GLU B 56 17.99 11.88 12.03
N ALA B 57 17.50 12.38 13.16
CA ALA B 57 18.29 13.33 13.94
C ALA B 57 19.42 12.62 14.68
N SER B 58 20.39 13.43 15.08
CA SER B 58 21.46 12.91 15.92
C SER B 58 20.89 12.46 17.26
N SER B 59 21.47 11.40 17.81
CA SER B 59 21.09 10.96 19.14
C SER B 59 21.23 12.06 20.19
N THR B 60 22.08 13.07 19.95
CA THR B 60 22.26 14.15 20.90
C THR B 60 21.50 15.41 20.49
N SER B 61 20.57 15.30 19.55
CA SER B 61 19.83 16.48 19.13
CA SER B 61 19.87 16.51 19.16
C SER B 61 18.76 16.83 20.17
N SER B 62 18.01 17.88 19.87
CA SER B 62 17.08 18.40 20.86
C SER B 62 15.93 19.09 20.16
N GLY B 63 14.87 19.31 20.92
CA GLY B 63 13.72 20.01 20.40
C GLY B 63 12.60 19.07 20.01
N SER B 64 11.51 19.70 19.56
CA SER B 64 10.34 18.97 19.12
CA SER B 64 10.31 19.00 19.16
C SER B 64 9.75 19.64 17.90
N ILE B 65 8.95 18.87 17.17
CA ILE B 65 8.14 19.38 16.08
C ILE B 65 6.69 19.35 16.57
N ALA B 66 6.16 20.52 16.86
CA ALA B 66 4.74 20.66 17.19
C ALA B 66 3.90 20.39 15.95
N TYR B 67 2.70 19.85 16.17
CA TYR B 67 1.79 19.66 15.05
C TYR B 67 0.37 19.96 15.52
N GLU B 68 -0.41 20.51 14.62
CA GLU B 68 -1.78 20.95 14.95
C GLU B 68 -2.72 20.54 13.81
N LEU B 69 -3.86 19.95 14.17
CA LEU B 69 -4.91 19.61 13.19
C LEU B 69 -5.92 20.76 13.16
N ASP B 70 -6.11 21.30 11.98
CA ASP B 70 -7.01 22.43 11.70
C ASP B 70 -8.10 21.87 10.79
N PRO B 71 -9.21 21.33 11.34
CA PRO B 71 -10.19 20.63 10.53
C PRO B 71 -11.03 21.48 9.58
N HIS B 72 -11.01 22.79 9.73
CA HIS B 72 -11.80 23.72 8.88
C HIS B 72 -10.90 24.65 8.08
N CYS B 73 -9.60 24.35 8.03
CA CYS B 73 -8.66 25.13 7.20
C CYS B 73 -8.70 26.61 7.55
N LYS B 74 -8.79 26.94 8.85
CA LYS B 74 -8.83 28.33 9.30
C LYS B 74 -7.47 28.90 9.63
N VAL B 75 -6.47 28.04 9.86
CA VAL B 75 -5.18 28.39 10.42
C VAL B 75 -4.14 28.28 9.32
N SER B 76 -3.34 29.32 9.11
CA SER B 76 -2.31 29.26 8.08
C SER B 76 -0.92 28.93 8.61
N SER B 77 -0.64 29.19 9.88
CA SER B 77 0.60 28.72 10.47
C SER B 77 0.30 28.23 11.88
N LEU B 78 1.12 27.29 12.36
CA LEU B 78 0.81 26.63 13.62
C LEU B 78 0.64 27.64 14.75
N GLN B 79 -0.43 27.48 15.51
CA GLN B 79 -0.73 28.35 16.65
C GLN B 79 -0.72 27.62 17.97
N SER B 80 -0.95 26.31 17.99
CA SER B 80 -1.06 25.54 19.23
C SER B 80 0.10 24.58 19.34
N TYR B 81 0.74 24.57 20.51
CA TYR B 81 1.90 23.71 20.75
C TYR B 81 1.58 22.55 21.68
N VAL B 82 0.30 22.19 21.83
CA VAL B 82 -0.05 21.13 22.78
CA VAL B 82 -0.05 21.13 22.78
C VAL B 82 0.43 19.77 22.31
N ASN B 83 0.44 19.51 21.00
CA ASN B 83 0.85 18.22 20.45
C ASN B 83 2.23 18.35 19.82
N LYS B 84 3.13 17.43 20.11
CA LYS B 84 4.44 17.50 19.46
C LYS B 84 5.11 16.13 19.43
N PHE B 85 6.05 15.99 18.49
CA PHE B 85 6.91 14.83 18.37
C PHE B 85 8.31 15.22 18.83
N GLN B 86 8.91 14.40 19.70
CA GLN B 86 10.30 14.62 20.07
C GLN B 86 11.20 14.33 18.87
N ILE B 87 12.09 15.29 18.54
CA ILE B 87 12.86 15.19 17.32
C ILE B 87 13.76 13.95 17.32
N THR B 88 14.32 13.61 18.48
CA THR B 88 15.24 12.48 18.50
C THR B 88 14.53 11.13 18.43
N LYS B 89 13.21 11.09 18.65
CA LYS B 89 12.50 9.83 18.84
C LYS B 89 11.49 9.52 17.76
N GLY B 90 10.95 10.51 17.09
CA GLY B 90 9.88 10.23 16.17
C GLY B 90 8.58 10.01 16.92
N GLY B 91 7.59 9.56 16.17
CA GLY B 91 6.29 9.32 16.78
C GLY B 91 5.26 9.17 15.69
N ALA B 92 4.02 8.97 16.14
CA ALA B 92 2.91 8.80 15.20
C ALA B 92 1.62 9.26 15.84
N LYS B 93 0.70 9.74 15.00
CA LYS B 93 -0.63 10.14 15.42
C LYS B 93 -1.63 9.64 14.40
N THR B 94 -2.68 8.98 14.87
CA THR B 94 -3.73 8.46 13.99
C THR B 94 -4.99 9.29 14.19
N TYR B 95 -5.56 9.80 13.09
CA TYR B 95 -6.76 10.61 13.12
C TYR B 95 -7.90 9.87 12.46
N GLN B 96 -9.06 9.86 13.10
CA GLN B 96 -10.28 9.28 12.58
C GLN B 96 -11.16 10.33 11.91
N ALA B 97 -12.06 9.86 11.04
CA ALA B 97 -12.86 10.73 10.17
C ALA B 97 -13.58 11.82 10.95
N ARG B 98 -14.12 11.50 12.12
CA ARG B 98 -14.91 12.50 12.84
CA ARG B 98 -14.90 12.46 12.89
C ARG B 98 -14.05 13.57 13.49
N MET B 99 -12.72 13.42 13.48
CA MET B 99 -11.80 14.45 13.94
CA MET B 99 -11.85 14.48 13.95
C MET B 99 -11.29 15.36 12.83
N ILE B 100 -11.42 14.94 11.57
CA ILE B 100 -10.74 15.59 10.46
C ILE B 100 -11.70 16.10 9.39
N ASN B 101 -12.93 16.43 9.79
CA ASN B 101 -13.95 16.90 8.84
C ASN B 101 -14.14 15.86 7.73
N GLY B 102 -14.15 14.58 8.12
CA GLY B 102 -14.27 13.49 7.19
C GLY B 102 -15.60 12.76 7.29
N VAL B 103 -16.60 13.43 7.86
CA VAL B 103 -17.93 12.86 8.05
C VAL B 103 -18.82 13.17 6.84
N GLU B 104 -18.76 14.39 6.32
CA GLU B 104 -19.56 14.82 5.18
C GLU B 104 -18.77 14.66 3.87
N TRP B 105 -19.48 14.33 2.80
CA TRP B 105 -18.84 14.36 1.49
C TRP B 105 -18.46 15.79 1.11
N HIS B 106 -17.30 15.92 0.46
CA HIS B 106 -16.80 17.20 -0.01
C HIS B 106 -16.71 17.20 -1.52
N ASP B 107 -17.03 18.34 -2.13
CA ASP B 107 -16.79 18.46 -3.57
C ASP B 107 -15.31 18.29 -3.85
N SER B 108 -14.99 17.60 -4.94
CA SER B 108 -13.59 17.36 -5.26
C SER B 108 -12.81 18.66 -5.48
N SER B 109 -13.49 19.79 -5.59
CA SER B 109 -12.85 21.09 -5.72
C SER B 109 -12.53 21.73 -4.39
N GLU B 110 -12.97 21.12 -3.29
CA GLU B 110 -12.85 21.72 -1.96
C GLU B 110 -11.83 20.96 -1.12
N ASP B 111 -11.08 21.69 -0.31
CA ASP B 111 -10.16 21.08 0.64
C ASP B 111 -10.91 20.65 1.90
N GLN B 112 -10.43 19.59 2.53
CA GLN B 112 -11.13 19.03 3.70
C GLN B 112 -10.56 19.51 5.03
N CYS B 113 -9.25 19.47 5.20
CA CYS B 113 -8.65 19.72 6.51
C CYS B 113 -7.16 20.02 6.32
N ARG B 114 -6.52 20.46 7.40
CA ARG B 114 -5.12 20.88 7.34
C ARG B 114 -4.39 20.39 8.57
N ILE B 115 -3.16 19.92 8.38
CA ILE B 115 -2.24 19.64 9.47
C ILE B 115 -1.06 20.58 9.33
N LEU B 116 -0.74 21.31 10.39
CA LEU B 116 0.39 22.23 10.38
C LEU B 116 1.47 21.72 11.33
N TRP B 117 2.71 22.13 11.07
CA TRP B 117 3.81 21.73 11.93
C TRP B 117 4.78 22.89 12.11
N LYS B 118 5.53 22.84 13.20
CA LYS B 118 6.55 23.86 13.48
C LYS B 118 7.55 23.29 14.48
N GLY B 119 8.82 23.23 14.12
CA GLY B 119 9.86 22.77 15.04
C GLY B 119 10.47 23.91 15.83
N ASN B 120 10.95 23.58 17.04
CA ASN B 120 11.67 24.55 17.85
C ASN B 120 13.15 24.19 17.98
N GLY B 121 13.64 23.29 17.12
CA GLY B 121 15.03 22.93 17.12
C GLY B 121 15.85 23.88 16.26
N LYS B 122 17.05 23.44 15.95
CA LYS B 122 17.99 24.31 15.25
C LYS B 122 17.92 24.10 13.74
N SER B 123 18.02 25.20 13.00
CA SER B 123 17.94 25.14 11.54
C SER B 123 19.06 24.32 10.92
N SER B 124 20.19 24.17 11.61
CA SER B 124 21.30 23.45 10.99
C SER B 124 21.23 21.94 11.20
N ASP B 125 20.29 21.46 12.01
CA ASP B 125 20.28 20.07 12.46
C ASP B 125 19.20 19.28 11.74
N PRO B 126 19.56 18.22 11.03
CA PRO B 126 18.54 17.36 10.42
C PRO B 126 17.58 16.82 11.48
N ALA B 127 16.29 16.81 11.14
CA ALA B 127 15.30 16.27 12.06
C ALA B 127 14.73 14.95 11.56
N GLY B 128 14.22 14.90 10.33
CA GLY B 128 13.69 13.67 9.79
C GLY B 128 12.71 13.90 8.66
N SER B 129 11.66 13.07 8.59
CA SER B 129 10.68 13.15 7.52
CA SER B 129 10.67 13.15 7.53
C SER B 129 9.29 12.85 8.08
N PHE B 130 8.27 13.28 7.35
CA PHE B 130 6.91 12.84 7.61
C PHE B 130 6.56 11.75 6.61
N ARG B 131 5.91 10.70 7.10
CA ARG B 131 5.26 9.71 6.25
C ARG B 131 3.77 9.76 6.57
N VAL B 132 2.95 10.05 5.56
CA VAL B 132 1.53 10.29 5.79
C VAL B 132 0.73 9.26 5.01
N THR B 133 -0.20 8.60 5.69
CA THR B 133 -1.08 7.61 5.06
C THR B 133 -2.51 8.10 5.18
N ILE B 134 -3.20 8.24 4.05
CA ILE B 134 -4.59 8.69 4.05
C ILE B 134 -5.46 7.61 3.44
N LYS B 135 -6.62 7.39 4.05
CA LYS B 135 -7.68 6.55 3.53
C LYS B 135 -8.75 7.47 2.99
N VAL B 136 -9.17 7.25 1.74
CA VAL B 136 -10.12 8.17 1.11
C VAL B 136 -11.25 7.41 0.45
N ALA B 137 -12.47 7.89 0.65
CA ALA B 137 -13.67 7.37 0.02
C ALA B 137 -14.11 8.35 -1.06
N LEU B 138 -14.58 7.81 -2.19
CA LEU B 138 -14.92 8.61 -3.34
C LEU B 138 -16.20 8.08 -3.96
N GLN B 139 -17.02 8.98 -4.52
CA GLN B 139 -18.23 8.51 -5.19
C GLN B 139 -18.64 9.48 -6.28
N ASN B 140 -19.52 9.00 -7.17
CA ASN B 140 -20.11 9.75 -8.28
C ASN B 140 -19.05 10.04 -9.34
N PRO B 141 -18.71 9.05 -10.16
CA PRO B 141 -17.62 9.23 -11.12
C PRO B 141 -17.88 10.36 -12.10
N LYS B 142 -16.79 11.00 -12.51
CA LYS B 142 -16.80 12.12 -13.46
C LYS B 142 -16.34 11.64 -14.82
N PRO C 1 -7.27 -10.16 36.04
CA PRO C 1 -6.36 -9.97 34.90
C PRO C 1 -5.18 -10.93 34.96
N SER C 2 -5.03 -11.77 33.96
CA SER C 2 -3.91 -12.71 33.93
C SER C 2 -2.59 -11.99 33.72
N SER C 3 -1.53 -12.57 34.26
CA SER C 3 -0.20 -12.07 33.95
C SER C 3 0.11 -12.30 32.48
N GLU C 4 0.93 -11.43 31.91
CA GLU C 4 1.34 -11.56 30.53
C GLU C 4 2.85 -11.71 30.45
N THR C 5 3.32 -12.34 29.39
CA THR C 5 4.75 -12.57 29.18
C THR C 5 5.17 -11.89 27.90
N PHE C 6 6.33 -11.25 27.93
CA PHE C 6 6.89 -10.60 26.76
C PHE C 6 8.34 -11.00 26.61
N VAL C 7 8.74 -11.29 25.37
CA VAL C 7 10.12 -11.59 25.01
CA VAL C 7 10.12 -11.57 25.04
C VAL C 7 10.60 -10.49 24.08
N PHE C 8 11.77 -9.93 24.35
CA PHE C 8 12.35 -8.95 23.47
C PHE C 8 13.85 -9.18 23.39
N THR C 9 14.47 -8.60 22.37
CA THR C 9 15.88 -8.85 22.09
C THR C 9 16.60 -7.52 21.98
N LYS C 10 17.92 -7.59 22.17
CA LYS C 10 18.83 -6.47 21.98
C LYS C 10 19.98 -7.06 21.18
N ASP C 11 20.05 -6.71 19.91
CA ASP C 11 20.86 -7.49 18.99
C ASP C 11 22.08 -6.72 18.53
N ASN C 12 23.00 -7.47 17.91
CA ASN C 12 24.19 -6.92 17.27
C ASN C 12 25.12 -6.25 18.29
N LEU C 13 25.16 -6.79 19.51
CA LEU C 13 26.14 -6.34 20.50
C LEU C 13 27.56 -6.69 20.04
N VAL C 14 28.49 -5.76 20.27
CA VAL C 14 29.91 -6.00 20.02
C VAL C 14 30.61 -6.07 21.37
N GLY C 15 31.92 -6.33 21.34
CA GLY C 15 32.62 -6.67 22.56
C GLY C 15 32.62 -5.59 23.62
N ASN C 16 32.55 -4.31 23.21
CA ASN C 16 32.57 -3.22 24.18
C ASN C 16 31.21 -2.55 24.32
N THR C 17 30.15 -3.23 23.87
CA THR C 17 28.80 -2.71 23.98
C THR C 17 28.45 -2.35 25.43
N GLN C 18 27.70 -1.26 25.61
CA GLN C 18 27.22 -0.91 26.94
C GLN C 18 25.85 -0.26 26.78
N GLY C 19 25.01 -0.42 27.80
CA GLY C 19 23.69 0.18 27.77
C GLY C 19 22.88 -0.26 28.97
N SER C 20 21.55 -0.08 28.86
CA SER C 20 20.67 -0.46 29.95
C SER C 20 19.27 -0.73 29.44
N PHE C 21 18.52 -1.54 30.19
CA PHE C 21 17.08 -1.69 30.04
C PHE C 21 16.44 -1.12 31.29
N THR C 22 15.57 -0.14 31.13
CA THR C 22 14.78 0.37 32.25
C THR C 22 13.37 -0.18 32.11
N PHE C 23 12.97 -1.04 33.04
CA PHE C 23 11.72 -1.79 32.95
C PHE C 23 10.56 -0.95 33.45
N GLY C 24 9.59 -0.73 32.58
CA GLY C 24 8.49 0.17 32.85
C GLY C 24 8.19 0.93 31.58
N PRO C 25 7.53 2.09 31.70
CA PRO C 25 7.26 2.91 30.51
C PRO C 25 8.52 3.30 29.72
N SER C 26 9.71 3.21 30.31
CA SER C 26 10.96 3.53 29.60
C SER C 26 11.57 2.34 28.88
N LEU C 27 10.88 1.20 28.78
CA LEU C 27 11.44 -0.01 28.17
C LEU C 27 11.24 0.06 26.64
N SER C 28 12.06 0.91 26.02
CA SER C 28 11.88 1.16 24.59
C SER C 28 12.17 -0.07 23.75
N ASP C 29 12.95 -1.02 24.25
CA ASP C 29 13.21 -2.26 23.51
C ASP C 29 12.01 -3.19 23.47
N CYS C 30 10.92 -2.91 24.19
CA CYS C 30 9.72 -3.76 24.18
C CYS C 30 8.49 -2.90 23.97
N PRO C 31 8.23 -2.45 22.74
CA PRO C 31 7.04 -1.63 22.50
C PRO C 31 5.74 -2.34 22.81
N ALA C 32 5.69 -3.65 22.56
CA ALA C 32 4.48 -4.43 22.84
C ALA C 32 4.05 -4.28 24.29
N PHE C 33 5.01 -4.15 25.20
CA PHE C 33 4.70 -3.95 26.61
C PHE C 33 4.40 -2.49 26.91
N LYS C 34 5.37 -1.60 26.62
CA LYS C 34 5.29 -0.23 27.14
C LYS C 34 4.21 0.58 26.42
N ASP C 35 3.93 0.28 25.15
CA ASP C 35 2.91 1.00 24.40
C ASP C 35 1.58 0.26 24.35
N GLY C 36 1.55 -0.99 24.78
CA GLY C 36 0.32 -1.75 24.76
C GLY C 36 -0.32 -1.90 26.13
N ILE C 37 -0.13 -3.09 26.71
CA ILE C 37 -0.87 -3.45 27.91
C ILE C 37 -0.54 -2.53 29.08
N LEU C 38 0.64 -1.91 29.08
CA LEU C 38 0.98 -1.00 30.17
C LEU C 38 0.05 0.20 30.21
N LYS C 39 -0.48 0.60 29.05
CA LYS C 39 -1.36 1.76 28.97
C LYS C 39 -2.83 1.39 29.14
N ALA C 40 -3.13 0.12 29.40
CA ALA C 40 -4.48 -0.37 29.60
C ALA C 40 -4.80 -0.64 31.06
N TYR C 41 -3.83 -0.48 31.97
CA TYR C 41 -4.04 -0.73 33.38
C TYR C 41 -3.41 0.37 34.20
N HIS C 42 -3.97 0.58 35.40
CA HIS C 42 -3.45 1.58 36.33
C HIS C 42 -2.19 1.09 37.04
N GLU C 43 -2.05 -0.21 37.24
CA GLU C 43 -0.97 -0.75 38.05
C GLU C 43 -0.36 -1.98 37.39
N TYR C 44 0.95 -2.14 37.58
CA TYR C 44 1.67 -3.32 37.12
C TYR C 44 2.79 -3.64 38.08
N LYS C 45 3.32 -4.84 37.94
CA LYS C 45 4.61 -5.17 38.52
C LYS C 45 5.18 -6.32 37.71
N ILE C 46 6.46 -6.22 37.41
CA ILE C 46 7.18 -7.27 36.71
C ILE C 46 7.66 -8.25 37.77
N THR C 47 7.19 -9.50 37.70
CA THR C 47 7.42 -10.48 38.75
C THR C 47 8.57 -11.42 38.46
N SER C 48 9.08 -11.43 37.23
CA SER C 48 10.30 -12.17 36.93
C SER C 48 10.95 -11.59 35.68
N ILE C 49 12.28 -11.66 35.65
CA ILE C 49 13.05 -11.23 34.48
C ILE C 49 14.06 -12.33 34.19
N LEU C 50 14.04 -12.84 32.97
CA LEU C 50 15.06 -13.78 32.50
C LEU C 50 15.94 -13.04 31.50
N LEU C 51 17.23 -12.95 31.81
CA LEU C 51 18.20 -12.23 30.99
C LEU C 51 19.15 -13.28 30.40
N GLN C 52 19.08 -13.49 29.09
CA GLN C 52 19.97 -14.43 28.43
C GLN C 52 20.90 -13.71 27.47
N PHE C 53 22.18 -14.05 27.54
CA PHE C 53 23.15 -13.61 26.54
C PHE C 53 23.43 -14.80 25.61
N VAL C 54 23.09 -14.63 24.34
CA VAL C 54 23.35 -15.62 23.29
C VAL C 54 24.58 -15.18 22.53
N SER C 55 25.65 -15.98 22.57
CA SER C 55 26.91 -15.57 21.98
C SER C 55 26.95 -15.86 20.48
N GLU C 56 27.49 -14.90 19.73
CA GLU C 56 27.89 -15.13 18.35
C GLU C 56 29.37 -14.81 18.17
N ALA C 57 30.11 -14.75 19.26
CA ALA C 57 31.50 -14.32 19.20
C ALA C 57 32.39 -15.39 18.58
N SER C 58 33.52 -14.95 18.05
CA SER C 58 34.59 -15.86 17.63
C SER C 58 35.03 -16.73 18.79
N SER C 59 35.36 -17.98 18.49
CA SER C 59 35.93 -18.87 19.50
C SER C 59 37.25 -18.36 20.04
N THR C 60 37.91 -17.43 19.35
CA THR C 60 39.18 -16.90 19.82
C THR C 60 39.03 -15.56 20.54
N SER C 61 37.79 -15.12 20.76
CA SER C 61 37.55 -13.89 21.50
C SER C 61 37.78 -14.13 22.98
N SER C 62 38.19 -13.06 23.67
CA SER C 62 38.33 -13.07 25.12
C SER C 62 37.47 -11.96 25.70
N GLY C 63 37.08 -12.11 26.95
CA GLY C 63 36.42 -11.05 27.68
C GLY C 63 35.03 -11.44 28.11
N SER C 64 34.33 -10.46 28.66
CA SER C 64 33.03 -10.72 29.26
C SER C 64 32.11 -9.52 29.08
N ILE C 65 30.82 -9.77 29.24
CA ILE C 65 29.81 -8.72 29.33
C ILE C 65 29.37 -8.69 30.78
N ALA C 66 29.78 -7.65 31.51
CA ALA C 66 29.30 -7.45 32.87
C ALA C 66 27.85 -6.94 32.84
N TYR C 67 27.09 -7.31 33.87
CA TYR C 67 25.71 -6.85 33.98
C TYR C 67 25.39 -6.57 35.44
N GLU C 68 24.51 -5.60 35.66
CA GLU C 68 24.22 -5.13 37.00
C GLU C 68 22.72 -4.89 37.11
N LEU C 69 22.13 -5.36 38.23
CA LEU C 69 20.72 -5.16 38.50
C LEU C 69 20.60 -3.99 39.48
N ASP C 70 19.89 -2.96 39.06
CA ASP C 70 19.73 -1.70 39.78
C ASP C 70 18.25 -1.63 40.09
N PRO C 71 17.82 -2.14 41.25
CA PRO C 71 16.39 -2.36 41.49
C PRO C 71 15.59 -1.10 41.70
N HIS C 72 16.24 0.06 41.84
CA HIS C 72 15.52 1.30 42.09
C HIS C 72 15.91 2.41 41.13
N CYS C 73 16.55 2.04 40.00
CA CYS C 73 16.79 2.97 38.90
C CYS C 73 17.65 4.15 39.37
N LYS C 74 18.71 3.85 40.11
CA LYS C 74 19.56 4.88 40.68
C LYS C 74 20.86 5.10 39.92
N VAL C 75 21.28 4.16 39.07
CA VAL C 75 22.56 4.27 38.37
C VAL C 75 22.32 4.31 36.87
N SER C 76 23.06 5.18 36.19
CA SER C 76 22.91 5.44 34.76
C SER C 76 23.82 4.60 33.90
N SER C 77 24.99 4.24 34.42
CA SER C 77 25.96 3.40 33.73
C SER C 77 26.46 2.35 34.70
N LEU C 78 26.85 1.19 34.16
CA LEU C 78 27.24 0.07 35.00
C LEU C 78 28.40 0.48 35.92
N GLN C 79 28.26 0.16 37.20
CA GLN C 79 29.27 0.46 38.20
C GLN C 79 29.91 -0.78 38.80
N SER C 80 29.19 -1.88 38.89
CA SER C 80 29.64 -3.11 39.52
C SER C 80 29.91 -4.18 38.48
N TYR C 81 31.09 -4.80 38.57
CA TYR C 81 31.54 -5.79 37.60
C TYR C 81 31.46 -7.22 38.13
N VAL C 82 30.80 -7.43 39.27
CA VAL C 82 30.90 -8.74 39.91
C VAL C 82 30.13 -9.81 39.16
N ASN C 83 29.08 -9.43 38.41
CA ASN C 83 28.32 -10.38 37.60
C ASN C 83 28.67 -10.20 36.13
N LYS C 84 28.94 -11.31 35.45
CA LYS C 84 29.29 -11.19 34.04
C LYS C 84 29.04 -12.48 33.29
N PHE C 85 28.84 -12.33 31.98
CA PHE C 85 28.72 -13.42 31.03
C PHE C 85 30.00 -13.47 30.22
N GLN C 86 30.58 -14.65 30.08
CA GLN C 86 31.79 -14.82 29.24
C GLN C 86 31.35 -14.62 27.78
N ILE C 87 32.12 -13.84 27.03
CA ILE C 87 31.63 -13.46 25.69
C ILE C 87 31.50 -14.66 24.76
N THR C 88 32.33 -15.69 24.93
CA THR C 88 32.26 -16.82 24.02
C THR C 88 31.20 -17.85 24.40
N LYS C 89 30.75 -17.88 25.64
CA LYS C 89 29.81 -18.92 26.05
C LYS C 89 28.39 -18.43 26.27
N GLY C 90 28.23 -17.17 26.61
CA GLY C 90 26.90 -16.72 26.95
C GLY C 90 26.51 -17.22 28.32
N GLY C 91 25.22 -17.18 28.57
CA GLY C 91 24.69 -17.60 29.85
C GLY C 91 23.31 -17.01 30.05
N ALA C 92 22.78 -17.24 31.24
CA ALA C 92 21.46 -16.76 31.56
C ALA C 92 21.40 -16.43 33.04
N LYS C 93 20.51 -15.51 33.40
CA LYS C 93 20.31 -15.16 34.79
C LYS C 93 18.82 -14.91 34.98
N THR C 94 18.23 -15.52 36.00
CA THR C 94 16.83 -15.32 36.33
C THR C 94 16.73 -14.48 37.59
N TYR C 95 15.83 -13.50 37.60
CA TYR C 95 15.56 -12.70 38.78
C TYR C 95 14.12 -12.88 39.18
N GLN C 96 13.88 -13.08 40.47
CA GLN C 96 12.52 -13.17 40.95
C GLN C 96 12.07 -11.83 41.55
N ALA C 97 10.77 -11.74 41.84
CA ALA C 97 10.17 -10.45 42.16
C ALA C 97 10.86 -9.76 43.33
N ARG C 98 11.23 -10.50 44.37
CA ARG C 98 11.83 -9.86 45.53
CA ARG C 98 11.81 -9.83 45.52
C ARG C 98 13.19 -9.26 45.24
N MET C 99 13.80 -9.60 44.09
CA MET C 99 15.09 -9.04 43.69
CA MET C 99 15.09 -9.04 43.72
C MET C 99 14.96 -7.80 42.83
N ILE C 100 13.79 -7.57 42.24
CA ILE C 100 13.67 -6.58 41.18
C ILE C 100 12.60 -5.53 41.46
N ASN C 101 12.30 -5.29 42.74
CA ASN C 101 11.27 -4.32 43.11
C ASN C 101 9.92 -4.70 42.51
N GLY C 102 9.67 -6.01 42.42
CA GLY C 102 8.44 -6.54 41.85
C GLY C 102 7.51 -7.11 42.89
N VAL C 103 7.70 -6.71 44.14
CA VAL C 103 6.82 -7.14 45.22
C VAL C 103 5.59 -6.24 45.32
N GLU C 104 5.80 -4.93 45.19
CA GLU C 104 4.75 -3.93 45.33
C GLU C 104 4.21 -3.53 43.96
N TRP C 105 2.92 -3.18 43.93
CA TRP C 105 2.33 -2.66 42.72
C TRP C 105 2.92 -1.28 42.40
N HIS C 106 3.11 -1.01 41.12
CA HIS C 106 3.57 0.29 40.67
C HIS C 106 2.55 0.93 39.76
N ASP C 107 2.45 2.25 39.84
CA ASP C 107 1.67 2.97 38.83
C ASP C 107 2.28 2.73 37.47
N SER C 108 1.41 2.61 36.46
CA SER C 108 1.88 2.29 35.12
C SER C 108 2.71 3.42 34.49
N SER C 109 2.77 4.59 35.11
CA SER C 109 3.64 5.67 34.64
C SER C 109 5.02 5.64 35.27
N GLU C 110 5.29 4.70 36.18
CA GLU C 110 6.56 4.67 36.89
C GLU C 110 7.37 3.46 36.49
N ASP C 111 8.68 3.64 36.41
CA ASP C 111 9.57 2.53 36.13
C ASP C 111 9.83 1.73 37.41
N GLN C 112 10.07 0.43 37.23
CA GLN C 112 10.28 -0.50 38.33
C GLN C 112 11.75 -0.76 38.65
N CYS C 113 12.56 -1.10 37.65
CA CYS C 113 13.94 -1.51 37.88
C CYS C 113 14.72 -1.37 36.57
N ARG C 114 16.02 -1.59 36.68
CA ARG C 114 16.95 -1.36 35.58
C ARG C 114 18.03 -2.43 35.60
N ILE C 115 18.39 -2.93 34.42
CA ILE C 115 19.57 -3.78 34.26
C ILE C 115 20.54 -3.06 33.34
N LEU C 116 21.80 -2.98 33.75
CA LEU C 116 22.83 -2.34 32.93
C LEU C 116 23.86 -3.38 32.50
N TRP C 117 24.46 -3.15 31.34
CA TRP C 117 25.53 -4.02 30.87
C TRP C 117 26.73 -3.23 30.37
N LYS C 118 27.87 -3.89 30.36
CA LYS C 118 29.08 -3.28 29.82
C LYS C 118 30.09 -4.36 29.48
N GLY C 119 30.45 -4.48 28.21
CA GLY C 119 31.46 -5.44 27.79
C GLY C 119 32.86 -4.86 27.84
N ASN C 120 33.84 -5.75 28.02
CA ASN C 120 35.24 -5.35 28.06
C ASN C 120 36.03 -5.89 26.86
N GLY C 121 35.32 -6.30 25.80
CA GLY C 121 35.94 -6.74 24.57
C GLY C 121 36.12 -5.61 23.59
N LYS C 122 36.25 -5.97 22.31
CA LYS C 122 36.66 -5.03 21.28
C LYS C 122 35.46 -4.54 20.48
N SER C 123 35.48 -3.24 20.13
CA SER C 123 34.42 -2.66 19.31
C SER C 123 34.32 -3.36 17.96
N SER C 124 35.41 -3.97 17.49
CA SER C 124 35.43 -4.56 16.17
C SER C 124 34.90 -5.99 16.13
N ASP C 125 34.58 -6.58 17.29
CA ASP C 125 34.30 -8.01 17.37
C ASP C 125 32.85 -8.27 17.74
N PRO C 126 32.12 -9.06 16.95
CA PRO C 126 30.77 -9.46 17.34
C PRO C 126 30.78 -10.19 18.68
N ALA C 127 29.80 -9.82 19.51
CA ALA C 127 29.62 -10.46 20.82
C ALA C 127 28.37 -11.33 20.85
N GLY C 128 27.21 -10.75 20.56
CA GLY C 128 25.99 -11.55 20.53
C GLY C 128 24.77 -10.70 20.73
N SER C 129 23.77 -11.25 21.43
CA SER C 129 22.51 -10.57 21.63
C SER C 129 22.00 -10.91 23.02
N PHE C 130 21.14 -10.04 23.54
CA PHE C 130 20.35 -10.33 24.72
C PHE C 130 18.97 -10.76 24.27
N ARG C 131 18.43 -11.78 24.93
CA ARG C 131 17.01 -12.12 24.87
C ARG C 131 16.49 -12.00 26.27
N VAL C 132 15.47 -11.18 26.46
CA VAL C 132 14.94 -10.86 27.79
C VAL C 132 13.49 -11.31 27.82
N THR C 133 13.13 -12.07 28.85
CA THR C 133 11.75 -12.48 29.06
C THR C 133 11.28 -11.88 30.38
N ILE C 134 10.12 -11.23 30.35
CA ILE C 134 9.52 -10.63 31.54
C ILE C 134 8.12 -11.17 31.69
N LYS C 135 7.71 -11.36 32.95
CA LYS C 135 6.33 -11.73 33.30
C LYS C 135 5.77 -10.54 34.07
N VAL C 136 4.59 -10.06 33.69
CA VAL C 136 4.04 -8.83 34.22
C VAL C 136 2.66 -9.11 34.78
N ALA C 137 2.48 -8.78 36.06
CA ALA C 137 1.16 -8.79 36.68
C ALA C 137 0.49 -7.43 36.48
N LEU C 138 -0.83 -7.44 36.35
CA LEU C 138 -1.56 -6.23 36.02
C LEU C 138 -2.85 -6.16 36.81
N GLN C 139 -3.29 -4.96 37.12
CA GLN C 139 -4.58 -4.79 37.84
C GLN C 139 -5.14 -3.41 37.57
N ASN C 140 -6.46 -3.33 37.69
CA ASN C 140 -7.25 -2.10 37.63
C ASN C 140 -7.29 -1.57 36.20
N PRO C 141 -8.08 -2.17 35.33
CA PRO C 141 -8.04 -1.76 33.91
C PRO C 141 -8.47 -0.31 33.73
N LYS C 142 -7.86 0.33 32.74
CA LYS C 142 -8.26 1.65 32.30
C LYS C 142 -9.27 1.51 31.15
N SER D 2 28.40 -14.81 -22.20
CA SER D 2 29.17 -14.86 -20.95
C SER D 2 28.88 -13.65 -20.07
N SER D 3 29.19 -13.78 -18.78
CA SER D 3 28.98 -12.72 -17.80
C SER D 3 30.27 -12.46 -17.04
N GLU D 4 30.43 -11.23 -16.57
CA GLU D 4 31.52 -10.88 -15.67
C GLU D 4 31.00 -9.99 -14.55
N THR D 5 31.70 -10.03 -13.42
CA THR D 5 31.37 -9.22 -12.26
C THR D 5 32.46 -8.18 -12.04
N PHE D 6 32.06 -6.97 -11.68
CA PHE D 6 32.98 -5.88 -11.38
C PHE D 6 32.56 -5.20 -10.09
N VAL D 7 33.54 -4.77 -9.30
CA VAL D 7 33.32 -4.07 -8.05
C VAL D 7 34.09 -2.76 -8.12
N PHE D 8 33.44 -1.66 -7.74
CA PHE D 8 34.14 -0.39 -7.61
C PHE D 8 33.59 0.33 -6.39
N THR D 9 34.32 1.35 -5.94
CA THR D 9 33.95 2.09 -4.74
C THR D 9 33.92 3.58 -5.02
N LYS D 10 33.18 4.29 -4.17
CA LYS D 10 33.18 5.75 -4.14
C LYS D 10 33.38 6.13 -2.69
N ASP D 11 34.55 6.68 -2.37
CA ASP D 11 34.95 6.85 -0.99
C ASP D 11 34.82 8.31 -0.55
N ASN D 12 35.00 8.51 0.75
CA ASN D 12 35.11 9.84 1.33
C ASN D 12 33.81 10.63 1.20
N LEU D 13 32.68 9.95 1.21
CA LEU D 13 31.40 10.64 1.27
C LEU D 13 31.27 11.39 2.60
N VAL D 14 30.75 12.61 2.54
CA VAL D 14 30.42 13.38 3.73
C VAL D 14 28.91 13.61 3.76
N GLY D 15 28.45 14.31 4.78
CA GLY D 15 27.01 14.39 5.03
C GLY D 15 26.20 14.97 3.88
N ASN D 16 26.78 15.90 3.12
CA ASN D 16 26.07 16.56 2.03
C ASN D 16 26.59 16.13 0.66
N THR D 17 27.24 14.97 0.59
CA THR D 17 27.76 14.46 -0.68
C THR D 17 26.65 14.26 -1.68
N GLN D 18 26.95 14.55 -2.95
CA GLN D 18 26.02 14.18 -4.00
C GLN D 18 26.82 13.84 -5.24
N GLY D 19 26.19 13.07 -6.12
CA GLY D 19 26.83 12.66 -7.36
C GLY D 19 26.01 11.60 -8.06
N SER D 20 26.65 10.92 -9.01
CA SER D 20 25.96 9.91 -9.81
C SER D 20 26.96 8.93 -10.40
N PHE D 21 26.48 7.69 -10.60
CA PHE D 21 27.14 6.66 -11.40
C PHE D 21 26.30 6.48 -12.65
N THR D 22 26.91 6.67 -13.82
CA THR D 22 26.23 6.36 -15.07
C THR D 22 26.83 5.08 -15.62
N PHE D 23 26.01 4.02 -15.70
CA PHE D 23 26.47 2.67 -16.00
C PHE D 23 26.54 2.47 -17.51
N GLY D 24 27.74 2.21 -18.00
CA GLY D 24 27.99 2.19 -19.43
C GLY D 24 29.32 2.84 -19.68
N PRO D 25 29.57 3.26 -20.92
CA PRO D 25 30.82 3.96 -21.23
C PRO D 25 31.05 5.22 -20.40
N SER D 26 30.05 5.72 -19.69
CA SER D 26 30.23 6.85 -18.78
C SER D 26 30.61 6.46 -17.36
N LEU D 27 30.83 5.16 -17.08
CA LEU D 27 31.12 4.72 -15.71
C LEU D 27 32.61 4.92 -15.43
N SER D 28 32.96 6.19 -15.16
CA SER D 28 34.37 6.54 -14.99
C SER D 28 34.96 5.96 -13.72
N ASP D 29 34.12 5.48 -12.79
CA ASP D 29 34.60 4.93 -11.54
C ASP D 29 35.04 3.48 -11.64
N CYS D 30 34.93 2.85 -12.81
CA CYS D 30 35.30 1.45 -12.98
C CYS D 30 35.97 1.26 -14.32
N PRO D 31 37.28 1.51 -14.40
CA PRO D 31 37.97 1.39 -15.70
C PRO D 31 38.08 -0.04 -16.19
N ALA D 32 38.06 -1.04 -15.31
CA ALA D 32 38.13 -2.41 -15.78
C ALA D 32 36.93 -2.77 -16.64
N PHE D 33 35.80 -2.10 -16.42
CA PHE D 33 34.61 -2.28 -17.23
C PHE D 33 34.59 -1.31 -18.41
N LYS D 34 34.73 -0.01 -18.12
CA LYS D 34 34.51 1.02 -19.14
C LYS D 34 35.62 1.02 -20.19
N ASP D 35 36.88 0.92 -19.76
CA ASP D 35 37.98 0.93 -20.71
C ASP D 35 38.47 -0.46 -21.09
N GLY D 36 38.02 -1.50 -20.39
CA GLY D 36 38.42 -2.86 -20.71
C GLY D 36 37.36 -3.66 -21.43
N ILE D 37 36.44 -4.26 -20.67
CA ILE D 37 35.53 -5.24 -21.25
C ILE D 37 34.57 -4.60 -22.25
N LEU D 38 34.21 -3.32 -22.05
CA LEU D 38 33.35 -2.63 -23.00
C LEU D 38 34.03 -2.38 -24.34
N LYS D 39 35.36 -2.47 -24.39
CA LYS D 39 36.09 -2.33 -25.63
C LYS D 39 36.30 -3.67 -26.34
N ALA D 40 35.84 -4.77 -25.74
CA ALA D 40 36.03 -6.09 -26.30
C ALA D 40 34.76 -6.69 -26.88
N TYR D 41 33.62 -6.00 -26.75
CA TYR D 41 32.34 -6.55 -27.18
C TYR D 41 31.48 -5.46 -27.78
N HIS D 42 30.59 -5.84 -28.70
CA HIS D 42 29.66 -4.89 -29.29
C HIS D 42 28.46 -4.62 -28.42
N GLU D 43 28.04 -5.57 -27.60
CA GLU D 43 26.80 -5.45 -26.85
C GLU D 43 27.05 -5.84 -25.41
N TYR D 44 26.29 -5.22 -24.51
CA TYR D 44 26.37 -5.56 -23.10
C TYR D 44 25.01 -5.32 -22.46
N LYS D 45 24.81 -5.89 -21.29
CA LYS D 45 23.70 -5.47 -20.47
C LYS D 45 24.03 -5.81 -19.03
N ILE D 46 23.84 -4.85 -18.15
CA ILE D 46 24.07 -5.04 -16.73
C ILE D 46 22.80 -5.64 -16.13
N THR D 47 22.92 -6.84 -15.57
CA THR D 47 21.74 -7.60 -15.15
C THR D 47 21.48 -7.50 -13.66
N SER D 48 22.44 -7.02 -12.87
CA SER D 48 22.17 -6.73 -11.48
C SER D 48 23.16 -5.69 -10.98
N ILE D 49 22.71 -4.86 -10.06
CA ILE D 49 23.56 -3.87 -9.40
C ILE D 49 23.32 -3.98 -7.90
N LEU D 50 24.39 -4.15 -7.15
CA LEU D 50 24.33 -4.11 -5.69
C LEU D 50 24.98 -2.81 -5.25
N LEU D 51 24.21 -1.97 -4.55
CA LEU D 51 24.67 -0.69 -4.03
C LEU D 51 24.75 -0.81 -2.52
N GLN D 52 25.97 -0.77 -1.98
CA GLN D 52 26.20 -0.83 -0.55
C GLN D 52 26.67 0.52 -0.05
N PHE D 53 26.05 1.03 1.00
CA PHE D 53 26.55 2.19 1.72
C PHE D 53 27.16 1.71 3.03
N VAL D 54 28.44 1.94 3.20
CA VAL D 54 29.17 1.50 4.38
C VAL D 54 29.46 2.75 5.20
N SER D 55 28.88 2.82 6.40
CA SER D 55 28.98 4.02 7.21
C SER D 55 30.31 4.06 7.94
N GLU D 56 30.97 5.22 7.88
CA GLU D 56 32.07 5.57 8.77
C GLU D 56 31.68 6.73 9.70
N ALA D 57 30.38 7.00 9.82
CA ALA D 57 29.94 8.20 10.52
C ALA D 57 30.06 8.07 12.03
N SER D 58 30.18 9.23 12.68
CA SER D 58 30.00 9.31 14.12
C SER D 58 28.71 8.62 14.56
N SER D 59 28.79 7.92 15.69
CA SER D 59 27.59 7.40 16.34
C SER D 59 26.58 8.49 16.64
N THR D 60 27.03 9.74 16.78
CA THR D 60 26.13 10.86 17.02
C THR D 60 25.88 11.70 15.78
N SER D 61 26.20 11.19 14.59
CA SER D 61 25.90 11.92 13.37
C SER D 61 24.39 11.86 13.06
N SER D 62 24.01 12.46 11.94
CA SER D 62 22.61 12.66 11.63
C SER D 62 22.45 12.68 10.11
N GLY D 63 21.22 12.54 9.67
CA GLY D 63 20.90 12.69 8.27
C GLY D 63 20.87 11.38 7.51
N SER D 64 20.62 11.52 6.22
CA SER D 64 20.51 10.36 5.34
CA SER D 64 20.50 10.37 5.34
C SER D 64 21.12 10.70 3.99
N ILE D 65 21.45 9.65 3.25
CA ILE D 65 21.88 9.74 1.86
C ILE D 65 20.75 9.21 1.01
N ALA D 66 20.06 10.10 0.32
CA ALA D 66 19.03 9.68 -0.62
C ALA D 66 19.67 9.10 -1.88
N TYR D 67 18.98 8.15 -2.50
CA TYR D 67 19.48 7.59 -3.75
C TYR D 67 18.32 7.32 -4.68
N GLU D 68 18.60 7.44 -5.97
CA GLU D 68 17.56 7.38 -7.00
C GLU D 68 18.08 6.60 -8.19
N LEU D 69 17.27 5.68 -8.70
CA LEU D 69 17.60 4.95 -9.92
C LEU D 69 16.87 5.59 -11.10
N ASP D 70 17.64 6.00 -12.10
CA ASP D 70 17.16 6.71 -13.28
C ASP D 70 17.48 5.79 -14.45
N PRO D 71 16.55 4.91 -14.84
CA PRO D 71 16.90 3.86 -15.81
C PRO D 71 17.09 4.36 -17.23
N HIS D 72 16.78 5.61 -17.53
CA HIS D 72 16.99 6.13 -18.89
C HIS D 72 17.88 7.36 -18.92
N CYS D 73 18.68 7.57 -17.87
CA CYS D 73 19.71 8.60 -17.85
C CYS D 73 19.15 9.96 -18.25
N LYS D 74 17.99 10.30 -17.68
CA LYS D 74 17.32 11.55 -18.02
C LYS D 74 17.61 12.67 -17.03
N VAL D 75 18.06 12.36 -15.83
CA VAL D 75 18.25 13.38 -14.80
C VAL D 75 19.71 13.38 -14.35
N SER D 76 20.23 14.58 -14.12
CA SER D 76 21.63 14.73 -13.77
C SER D 76 21.87 14.95 -12.29
N SER D 77 20.83 15.23 -11.51
CA SER D 77 20.96 15.39 -10.07
C SER D 77 19.72 14.78 -9.42
N LEU D 78 19.89 14.29 -8.19
CA LEU D 78 18.83 13.53 -7.55
C LEU D 78 17.55 14.38 -7.45
N GLN D 79 16.43 13.79 -7.84
CA GLN D 79 15.15 14.47 -7.80
C GLN D 79 14.21 13.96 -6.72
N SER D 80 14.31 12.68 -6.38
CA SER D 80 13.35 11.99 -5.52
C SER D 80 14.04 11.54 -4.24
N TYR D 81 13.39 11.80 -3.10
CA TYR D 81 13.94 11.44 -1.81
C TYR D 81 13.28 10.20 -1.21
N VAL D 82 12.57 9.41 -2.02
CA VAL D 82 11.78 8.35 -1.41
C VAL D 82 12.65 7.20 -0.92
N ASN D 83 13.84 6.99 -1.51
CA ASN D 83 14.77 5.97 -1.05
C ASN D 83 15.97 6.63 -0.37
N LYS D 84 16.33 6.15 0.82
CA LYS D 84 17.47 6.75 1.51
C LYS D 84 18.10 5.74 2.46
N PHE D 85 19.40 5.93 2.69
CA PHE D 85 20.16 5.21 3.70
C PHE D 85 20.40 6.15 4.87
N GLN D 86 20.20 5.68 6.10
CA GLN D 86 20.57 6.50 7.26
C GLN D 86 22.08 6.53 7.41
N ILE D 87 22.64 7.72 7.63
CA ILE D 87 24.09 7.91 7.58
C ILE D 87 24.78 7.11 8.70
N THR D 88 24.18 7.07 9.89
CA THR D 88 24.80 6.31 10.98
C THR D 88 24.69 4.80 10.81
N LYS D 89 23.80 4.32 9.94
CA LYS D 89 23.49 2.90 9.87
C LYS D 89 24.09 2.18 8.67
N GLY D 90 24.27 2.87 7.56
CA GLY D 90 24.61 2.16 6.35
C GLY D 90 23.38 1.48 5.78
N GLY D 91 23.61 0.73 4.71
CA GLY D 91 22.53 -0.04 4.12
C GLY D 91 22.95 -0.61 2.78
N ALA D 92 21.98 -1.21 2.09
CA ALA D 92 22.25 -1.74 0.78
C ALA D 92 20.97 -1.88 -0.02
N LYS D 93 21.12 -1.88 -1.34
CA LYS D 93 20.01 -2.07 -2.27
C LYS D 93 20.51 -2.93 -3.42
N THR D 94 19.73 -3.95 -3.76
CA THR D 94 20.03 -4.79 -4.92
C THR D 94 18.96 -4.58 -5.98
N TYR D 95 19.41 -4.26 -7.18
CA TYR D 95 18.55 -4.05 -8.33
C TYR D 95 18.67 -5.25 -9.26
N GLN D 96 17.54 -5.72 -9.76
CA GLN D 96 17.56 -6.77 -10.77
C GLN D 96 17.32 -6.17 -12.15
N ALA D 97 17.56 -7.01 -13.17
CA ALA D 97 17.61 -6.54 -14.56
C ALA D 97 16.37 -5.75 -14.96
N ARG D 98 15.18 -6.19 -14.55
CA ARG D 98 13.95 -5.57 -15.01
C ARG D 98 13.83 -4.12 -14.58
N MET D 99 14.43 -3.74 -13.44
CA MET D 99 14.27 -2.33 -13.05
CA MET D 99 14.37 -2.39 -12.89
C MET D 99 15.44 -1.46 -13.47
N ILE D 100 16.49 -2.00 -14.09
CA ILE D 100 17.63 -1.16 -14.44
C ILE D 100 17.92 -1.14 -15.93
N ASN D 101 16.89 -1.38 -16.76
CA ASN D 101 17.09 -1.37 -18.22
C ASN D 101 18.14 -2.40 -18.61
N GLY D 102 18.14 -3.54 -17.92
CA GLY D 102 19.07 -4.61 -18.18
C GLY D 102 18.44 -5.84 -18.81
N VAL D 103 17.30 -5.66 -19.48
CA VAL D 103 16.61 -6.79 -20.13
C VAL D 103 17.00 -6.85 -21.60
N GLU D 104 17.22 -5.70 -22.22
CA GLU D 104 17.60 -5.65 -23.61
C GLU D 104 19.11 -5.41 -23.76
N TRP D 105 19.68 -5.97 -24.83
CA TRP D 105 21.07 -5.69 -25.15
C TRP D 105 21.23 -4.22 -25.52
N HIS D 106 22.36 -3.65 -25.12
CA HIS D 106 22.73 -2.28 -25.45
C HIS D 106 24.03 -2.25 -26.22
N ASP D 107 24.13 -1.31 -27.15
CA ASP D 107 25.41 -1.08 -27.81
C ASP D 107 26.45 -0.62 -26.80
N SER D 108 27.69 -1.10 -26.97
CA SER D 108 28.75 -0.77 -26.03
C SER D 108 29.01 0.73 -25.94
N SER D 109 28.49 1.52 -26.88
CA SER D 109 28.64 2.97 -26.82
C SER D 109 27.46 3.65 -26.14
N GLU D 110 26.45 2.90 -25.70
CA GLU D 110 25.26 3.47 -25.10
C GLU D 110 25.28 3.22 -23.60
N ASP D 111 24.85 4.21 -22.82
CA ASP D 111 24.71 4.05 -21.38
C ASP D 111 23.38 3.36 -21.06
N GLN D 112 23.41 2.54 -20.01
CA GLN D 112 22.23 1.75 -19.66
C GLN D 112 21.33 2.42 -18.63
N CYS D 113 21.89 2.90 -17.52
CA CYS D 113 21.09 3.46 -16.43
C CYS D 113 21.99 4.32 -15.56
N ARG D 114 21.38 5.00 -14.58
CA ARG D 114 22.09 5.93 -13.74
C ARG D 114 21.59 5.81 -12.31
N ILE D 115 22.51 5.85 -11.34
CA ILE D 115 22.14 5.95 -9.94
C ILE D 115 22.65 7.29 -9.43
N LEU D 116 21.78 8.04 -8.75
CA LEU D 116 22.13 9.34 -8.21
C LEU D 116 22.00 9.30 -6.70
N TRP D 117 22.81 10.11 -6.02
CA TRP D 117 22.69 10.20 -4.57
C TRP D 117 22.83 11.65 -4.10
N LYS D 118 22.33 11.91 -2.89
CA LYS D 118 22.37 13.24 -2.32
C LYS D 118 22.13 13.13 -0.81
N GLY D 119 23.12 13.53 -0.03
CA GLY D 119 22.97 13.56 1.41
C GLY D 119 22.38 14.87 1.91
N ASN D 120 21.74 14.79 3.07
CA ASN D 120 21.18 15.99 3.71
C ASN D 120 21.86 16.27 5.03
N GLY D 121 23.03 15.66 5.26
CA GLY D 121 23.81 15.89 6.44
C GLY D 121 24.75 17.05 6.26
N LYS D 122 25.74 17.12 7.16
CA LYS D 122 26.65 18.27 7.20
C LYS D 122 27.93 17.97 6.43
N SER D 123 28.38 18.99 5.69
CA SER D 123 29.60 18.87 4.87
C SER D 123 30.82 18.52 5.72
N SER D 124 30.84 18.95 6.98
CA SER D 124 31.99 18.71 7.84
C SER D 124 32.09 17.26 8.31
N ASP D 125 31.01 16.49 8.26
CA ASP D 125 30.96 15.22 8.96
C ASP D 125 31.13 14.05 8.00
N PRO D 126 32.14 13.21 8.21
CA PRO D 126 32.28 12.00 7.38
C PRO D 126 31.01 11.17 7.42
N ALA D 127 30.63 10.62 6.26
CA ALA D 127 29.49 9.72 6.14
C ALA D 127 29.92 8.29 5.91
N GLY D 128 30.72 8.03 4.87
CA GLY D 128 31.14 6.67 4.57
C GLY D 128 31.54 6.50 3.12
N SER D 129 31.24 5.33 2.57
CA SER D 129 31.61 5.04 1.19
C SER D 129 30.54 4.18 0.54
N PHE D 130 30.51 4.20 -0.80
CA PHE D 130 29.70 3.29 -1.58
C PHE D 130 30.58 2.16 -2.09
N ARG D 131 30.04 0.95 -2.09
CA ARG D 131 30.64 -0.19 -2.78
C ARG D 131 29.60 -0.72 -3.74
N VAL D 132 29.95 -0.80 -5.02
CA VAL D 132 29.01 -1.14 -6.07
C VAL D 132 29.51 -2.41 -6.77
N THR D 133 28.63 -3.40 -6.90
CA THR D 133 28.94 -4.64 -7.58
C THR D 133 27.99 -4.79 -8.77
N ILE D 134 28.53 -4.93 -9.98
CA ILE D 134 27.69 -5.11 -11.17
C ILE D 134 28.00 -6.46 -11.79
N LYS D 135 26.96 -7.10 -12.31
CA LYS D 135 27.07 -8.32 -13.10
C LYS D 135 26.67 -7.94 -14.52
N VAL D 136 27.54 -8.22 -15.48
CA VAL D 136 27.31 -7.73 -16.84
C VAL D 136 27.41 -8.91 -17.81
N ALA D 137 26.40 -9.06 -18.66
CA ALA D 137 26.44 -10.01 -19.76
C ALA D 137 26.97 -9.32 -21.01
N LEU D 138 27.72 -10.08 -21.82
CA LEU D 138 28.45 -9.53 -22.95
C LEU D 138 28.31 -10.47 -24.15
N GLN D 139 28.26 -9.89 -25.35
CA GLN D 139 28.24 -10.74 -26.54
C GLN D 139 28.78 -9.99 -27.74
N ASN D 140 29.16 -10.77 -28.76
CA ASN D 140 29.62 -10.30 -30.07
C ASN D 140 30.98 -9.62 -29.95
N PRO D 141 32.06 -10.39 -29.78
CA PRO D 141 33.38 -9.81 -29.58
C PRO D 141 33.80 -8.86 -30.69
N LYS D 142 34.54 -7.82 -30.30
CA LYS D 142 35.22 -6.92 -31.23
C LYS D 142 36.67 -7.37 -31.40
N SER E 2 3.14 -3.68 -10.04
CA SER E 2 2.07 -2.72 -9.75
C SER E 2 1.39 -2.28 -11.05
N SER E 3 0.06 -2.34 -11.09
CA SER E 3 -0.67 -2.15 -12.35
C SER E 3 -2.01 -1.50 -12.06
N GLU E 4 -2.42 -0.57 -12.94
CA GLU E 4 -3.66 0.18 -12.75
C GLU E 4 -4.41 0.28 -14.07
N THR E 5 -5.72 0.53 -13.96
CA THR E 5 -6.61 0.67 -15.11
C THR E 5 -7.18 2.08 -15.16
N PHE E 6 -7.20 2.68 -16.35
CA PHE E 6 -7.81 3.98 -16.56
C PHE E 6 -8.81 3.90 -17.71
N VAL E 7 -9.93 4.59 -17.55
CA VAL E 7 -10.97 4.66 -18.57
C VAL E 7 -11.22 6.14 -18.88
N PHE E 8 -11.21 6.50 -20.15
CA PHE E 8 -11.57 7.86 -20.54
C PHE E 8 -12.42 7.80 -21.79
N THR E 9 -13.06 8.92 -22.11
CA THR E 9 -13.93 8.96 -23.27
C THR E 9 -13.57 10.15 -24.16
N LYS E 10 -13.92 10.01 -25.43
CA LYS E 10 -13.91 11.11 -26.39
C LYS E 10 -15.31 11.17 -26.95
N ASP E 11 -15.99 12.28 -26.73
CA ASP E 11 -17.43 12.34 -26.96
C ASP E 11 -17.75 13.27 -28.11
N ASN E 12 -19.01 13.20 -28.53
CA ASN E 12 -19.56 14.11 -29.54
C ASN E 12 -18.86 13.95 -30.89
N LEU E 13 -18.54 12.70 -31.23
CA LEU E 13 -17.98 12.43 -32.55
C LEU E 13 -19.10 12.55 -33.58
N VAL E 14 -18.76 13.14 -34.72
CA VAL E 14 -19.68 13.20 -35.85
C VAL E 14 -19.08 12.37 -36.98
N GLY E 15 -19.80 12.28 -38.11
CA GLY E 15 -19.46 11.32 -39.14
C GLY E 15 -18.07 11.49 -39.73
N ASN E 16 -17.58 12.74 -39.79
CA ASN E 16 -16.26 13.01 -40.34
C ASN E 16 -15.24 13.41 -39.27
N THR E 17 -15.49 13.09 -38.02
CA THR E 17 -14.53 13.38 -36.96
C THR E 17 -13.20 12.67 -37.22
N GLN E 18 -12.10 13.37 -36.93
CA GLN E 18 -10.76 12.77 -37.01
C GLN E 18 -9.93 13.24 -35.82
N GLY E 19 -8.91 12.45 -35.48
CA GLY E 19 -8.05 12.82 -34.38
C GLY E 19 -7.07 11.70 -34.04
N SER E 20 -6.43 11.86 -32.87
CA SER E 20 -5.52 10.84 -32.42
C SER E 20 -5.40 10.88 -30.90
N PHE E 21 -5.10 9.74 -30.33
CA PHE E 21 -4.68 9.61 -28.94
C PHE E 21 -3.21 9.24 -28.91
N THR E 22 -2.39 10.02 -28.20
CA THR E 22 -1.00 9.67 -27.99
C THR E 22 -0.88 9.18 -26.55
N PHE E 23 -0.56 7.90 -26.40
CA PHE E 23 -0.58 7.25 -25.10
C PHE E 23 0.74 7.50 -24.38
N GLY E 24 0.65 8.09 -23.21
CA GLY E 24 1.81 8.55 -22.46
C GLY E 24 1.51 9.91 -21.88
N PRO E 25 2.55 10.67 -21.56
CA PRO E 25 2.34 12.04 -21.06
C PRO E 25 1.63 12.95 -22.05
N SER E 26 1.51 12.58 -23.32
CA SER E 26 0.78 13.38 -24.29
C SER E 26 -0.70 13.07 -24.33
N LEU E 27 -1.21 12.25 -23.40
CA LEU E 27 -2.60 11.80 -23.40
C LEU E 27 -3.45 12.86 -22.72
N SER E 28 -3.78 13.91 -23.49
CA SER E 28 -4.58 15.02 -23.00
C SER E 28 -5.96 14.58 -22.55
N ASP E 29 -6.51 13.54 -23.18
CA ASP E 29 -7.85 13.09 -22.86
C ASP E 29 -7.94 12.35 -21.53
N CYS E 30 -6.82 12.08 -20.87
CA CYS E 30 -6.84 11.35 -19.60
C CYS E 30 -5.88 12.03 -18.65
N PRO E 31 -6.28 13.19 -18.08
CA PRO E 31 -5.40 13.88 -17.12
C PRO E 31 -5.07 13.04 -15.88
N ALA E 32 -5.97 12.14 -15.46
CA ALA E 32 -5.68 11.35 -14.27
C ALA E 32 -4.44 10.48 -14.48
N PHE E 33 -4.33 9.84 -15.64
CA PHE E 33 -3.14 9.06 -15.94
C PHE E 33 -1.92 9.96 -16.19
N LYS E 34 -2.10 11.04 -16.94
CA LYS E 34 -0.97 11.86 -17.35
C LYS E 34 -0.38 12.64 -16.18
N ASP E 35 -1.23 13.26 -15.36
CA ASP E 35 -0.76 14.13 -14.29
C ASP E 35 -0.80 13.50 -12.91
N GLY E 36 -1.51 12.39 -12.74
CA GLY E 36 -1.47 11.68 -11.48
C GLY E 36 -0.40 10.63 -11.43
N ILE E 37 -0.64 9.49 -12.06
CA ILE E 37 0.17 8.30 -11.80
C ILE E 37 1.56 8.41 -12.45
N LEU E 38 1.65 9.03 -13.64
CA LEU E 38 2.94 9.11 -14.31
C LEU E 38 3.93 10.00 -13.57
N LYS E 39 3.43 10.98 -12.82
CA LYS E 39 4.34 11.82 -12.06
C LYS E 39 4.82 11.15 -10.79
N ALA E 40 4.33 9.96 -10.47
CA ALA E 40 4.72 9.26 -9.26
C ALA E 40 5.66 8.09 -9.50
N TYR E 41 5.98 7.77 -10.76
CA TYR E 41 6.84 6.64 -11.10
C TYR E 41 7.84 7.03 -12.19
N HIS E 42 9.01 6.40 -12.14
CA HIS E 42 10.03 6.63 -13.17
C HIS E 42 9.66 6.00 -14.50
N GLU E 43 8.93 4.88 -14.48
CA GLU E 43 8.75 4.05 -15.66
C GLU E 43 7.32 3.53 -15.72
N TYR E 44 6.82 3.39 -16.94
CA TYR E 44 5.49 2.83 -17.18
C TYR E 44 5.52 2.01 -18.45
N LYS E 45 4.53 1.15 -18.61
CA LYS E 45 4.26 0.60 -19.93
C LYS E 45 2.79 0.24 -19.97
N ILE E 46 2.15 0.60 -21.07
CA ILE E 46 0.74 0.32 -21.26
C ILE E 46 0.65 -1.07 -21.87
N THR E 47 0.02 -2.01 -21.16
CA THR E 47 0.03 -3.40 -21.58
C THR E 47 -1.26 -3.83 -22.27
N SER E 48 -2.27 -2.96 -22.31
CA SER E 48 -3.48 -3.26 -23.06
C SER E 48 -4.21 -1.97 -23.34
N ILE E 49 -4.83 -1.87 -24.52
CA ILE E 49 -5.73 -0.77 -24.84
C ILE E 49 -7.00 -1.36 -25.45
N LEU E 50 -8.14 -1.09 -24.83
CA LEU E 50 -9.43 -1.42 -25.39
C LEU E 50 -10.01 -0.14 -26.00
N LEU E 51 -10.31 -0.21 -27.29
CA LEU E 51 -10.91 0.91 -28.01
C LEU E 51 -12.34 0.52 -28.34
N GLN E 52 -13.30 1.16 -27.67
CA GLN E 52 -14.72 0.94 -27.92
C GLN E 52 -15.30 2.14 -28.66
N PHE E 53 -16.02 1.88 -29.76
CA PHE E 53 -16.82 2.93 -30.39
C PHE E 53 -18.28 2.64 -30.06
N VAL E 54 -18.93 3.55 -29.35
CA VAL E 54 -20.33 3.41 -28.98
C VAL E 54 -21.16 4.30 -29.89
N SER E 55 -22.04 3.69 -30.67
CA SER E 55 -22.77 4.47 -31.66
C SER E 55 -23.96 5.17 -31.02
N GLU E 56 -24.16 6.43 -31.37
CA GLU E 56 -25.43 7.10 -31.16
C GLU E 56 -26.03 7.56 -32.49
N ALA E 57 -25.60 6.97 -33.60
CA ALA E 57 -25.98 7.44 -34.92
C ALA E 57 -27.43 7.06 -35.26
N SER E 58 -27.99 7.83 -36.20
CA SER E 58 -29.28 7.48 -36.77
C SER E 58 -29.22 6.09 -37.40
N SER E 59 -30.28 5.31 -37.21
CA SER E 59 -30.35 3.98 -37.81
C SER E 59 -30.18 4.03 -39.33
N THR E 60 -30.41 5.20 -39.94
CA THR E 60 -30.23 5.38 -41.38
C THR E 60 -28.96 6.13 -41.71
N SER E 61 -28.02 6.24 -40.78
CA SER E 61 -26.77 6.86 -41.15
C SER E 61 -25.88 5.88 -41.90
N SER E 62 -24.79 6.40 -42.45
CA SER E 62 -23.87 5.65 -43.30
C SER E 62 -22.45 5.89 -42.82
N GLY E 63 -21.53 5.10 -43.34
CA GLY E 63 -20.11 5.38 -43.21
C GLY E 63 -19.44 4.59 -42.10
N SER E 64 -18.15 4.85 -41.94
CA SER E 64 -17.36 4.17 -40.92
C SER E 64 -16.37 5.13 -40.31
N ILE E 65 -15.85 4.74 -39.15
CA ILE E 65 -14.74 5.40 -38.48
C ILE E 65 -13.54 4.48 -38.60
N ALA E 66 -12.57 4.85 -39.44
CA ALA E 66 -11.35 4.06 -39.53
C ALA E 66 -10.49 4.36 -38.33
N TYR E 67 -9.67 3.38 -37.93
CA TYR E 67 -8.75 3.59 -36.82
C TYR E 67 -7.45 2.88 -37.14
N GLU E 68 -6.35 3.48 -36.68
CA GLU E 68 -5.03 2.98 -37.03
C GLU E 68 -4.20 2.98 -35.75
N LEU E 69 -3.52 1.87 -35.50
CA LEU E 69 -2.56 1.77 -34.41
C LEU E 69 -1.16 2.07 -34.95
N ASP E 70 -0.49 3.04 -34.34
CA ASP E 70 0.83 3.53 -34.75
C ASP E 70 1.73 3.27 -33.55
N PRO E 71 2.37 2.10 -33.49
CA PRO E 71 3.02 1.66 -32.25
C PRO E 71 4.28 2.41 -31.90
N HIS E 72 4.81 3.26 -32.78
CA HIS E 72 6.03 4.00 -32.49
C HIS E 72 5.88 5.48 -32.77
N CYS E 73 4.65 5.96 -32.83
CA CYS E 73 4.38 7.39 -32.83
C CYS E 73 4.97 8.05 -34.08
N LYS E 74 4.92 7.31 -35.21
CA LYS E 74 5.50 7.76 -36.47
C LYS E 74 4.44 8.25 -37.45
N VAL E 75 3.18 8.27 -37.05
CA VAL E 75 2.06 8.65 -37.91
C VAL E 75 1.36 9.84 -37.30
N SER E 76 1.18 10.90 -38.09
CA SER E 76 0.58 12.13 -37.59
C SER E 76 -0.93 12.18 -37.78
N SER E 77 -1.43 11.71 -38.94
CA SER E 77 -2.84 11.62 -39.22
C SER E 77 -3.09 10.29 -39.88
N LEU E 78 -4.32 9.77 -39.73
CA LEU E 78 -4.60 8.41 -40.20
C LEU E 78 -4.27 8.28 -41.68
N GLN E 79 -3.51 7.23 -42.02
CA GLN E 79 -3.12 6.94 -43.39
C GLN E 79 -3.67 5.61 -43.91
N SER E 80 -4.00 4.68 -43.03
CA SER E 80 -4.41 3.33 -43.38
C SER E 80 -5.86 3.11 -42.98
N TYR E 81 -6.68 2.69 -43.93
CA TYR E 81 -8.10 2.50 -43.67
C TYR E 81 -8.48 1.03 -43.54
N VAL E 82 -7.52 0.14 -43.25
CA VAL E 82 -7.83 -1.28 -43.23
C VAL E 82 -8.77 -1.64 -42.08
N ASN E 83 -8.71 -0.94 -40.95
CA ASN E 83 -9.56 -1.21 -39.79
C ASN E 83 -10.60 -0.11 -39.62
N LYS E 84 -11.86 -0.49 -39.41
CA LYS E 84 -12.92 0.50 -39.31
C LYS E 84 -14.07 -0.03 -38.48
N PHE E 85 -14.78 0.88 -37.81
CA PHE E 85 -16.03 0.61 -37.13
C PHE E 85 -17.15 1.19 -37.97
N GLN E 86 -18.20 0.40 -38.18
CA GLN E 86 -19.37 0.94 -38.89
C GLN E 86 -20.10 1.92 -37.98
N ILE E 87 -20.46 3.09 -38.52
CA ILE E 87 -20.97 4.16 -37.65
C ILE E 87 -22.29 3.74 -36.99
N THR E 88 -23.15 3.01 -37.71
CA THR E 88 -24.43 2.63 -37.13
C THR E 88 -24.34 1.50 -36.10
N LYS E 89 -23.27 0.71 -36.09
CA LYS E 89 -23.22 -0.46 -35.21
C LYS E 89 -22.26 -0.29 -34.04
N GLY E 90 -21.17 0.43 -34.21
CA GLY E 90 -20.19 0.46 -33.15
C GLY E 90 -19.34 -0.80 -33.21
N GLY E 91 -18.53 -0.97 -32.17
CA GLY E 91 -17.65 -2.12 -32.11
C GLY E 91 -16.51 -1.85 -31.16
N ALA E 92 -15.61 -2.82 -31.08
CA ALA E 92 -14.52 -2.71 -30.13
C ALA E 92 -13.34 -3.54 -30.60
N LYS E 93 -12.15 -3.11 -30.20
CA LYS E 93 -10.93 -3.84 -30.48
C LYS E 93 -10.02 -3.65 -29.28
N THR E 94 -9.45 -4.75 -28.78
CA THR E 94 -8.46 -4.70 -27.71
C THR E 94 -7.10 -5.08 -28.29
N TYR E 95 -6.10 -4.27 -27.97
CA TYR E 95 -4.72 -4.52 -28.37
C TYR E 95 -3.92 -5.00 -27.16
N GLN E 96 -3.05 -5.98 -27.39
CA GLN E 96 -2.15 -6.51 -26.37
CA GLN E 96 -2.16 -6.51 -26.37
C GLN E 96 -0.79 -5.81 -26.44
N ALA E 97 -0.03 -5.95 -25.35
CA ALA E 97 1.25 -5.28 -25.16
C ALA E 97 2.16 -5.42 -26.38
N ARG E 98 2.27 -6.61 -26.92
CA ARG E 98 3.21 -6.88 -28.03
C ARG E 98 2.82 -6.15 -29.32
N MET E 99 1.61 -5.66 -29.41
CA MET E 99 1.23 -4.89 -30.59
CA MET E 99 1.20 -4.89 -30.58
C MET E 99 1.33 -3.38 -30.38
N ILE E 100 1.53 -2.93 -29.14
CA ILE E 100 1.43 -1.51 -28.86
C ILE E 100 2.68 -0.92 -28.22
N ASN E 101 3.86 -1.52 -28.47
CA ASN E 101 5.10 -1.04 -27.86
C ASN E 101 5.01 -1.07 -26.34
N GLY E 102 4.30 -2.06 -25.81
CA GLY E 102 4.10 -2.22 -24.37
C GLY E 102 4.88 -3.36 -23.76
N VAL E 103 5.94 -3.81 -24.44
CA VAL E 103 6.82 -4.85 -23.92
C VAL E 103 7.97 -4.27 -23.12
N GLU E 104 8.46 -3.12 -23.57
CA GLU E 104 9.59 -2.42 -22.98
C GLU E 104 9.11 -1.33 -22.02
N TRP E 105 9.80 -1.22 -20.88
CA TRP E 105 9.52 -0.10 -19.98
C TRP E 105 9.91 1.22 -20.64
N HIS E 106 9.08 2.24 -20.41
CA HIS E 106 9.31 3.58 -20.96
C HIS E 106 9.48 4.60 -19.83
N ASP E 107 10.36 5.57 -20.07
CA ASP E 107 10.44 6.71 -19.15
C ASP E 107 9.10 7.44 -19.10
N SER E 108 8.73 7.92 -17.91
CA SER E 108 7.46 8.60 -17.75
CA SER E 108 7.47 8.61 -17.74
C SER E 108 7.34 9.85 -18.60
N SER E 109 8.46 10.38 -19.13
CA SER E 109 8.41 11.56 -19.98
C SER E 109 8.27 11.23 -21.46
N GLU E 110 8.41 9.96 -21.81
CA GLU E 110 8.19 9.51 -23.20
CA GLU E 110 8.22 9.52 -23.23
C GLU E 110 6.86 8.80 -23.56
N ASP E 111 6.37 9.10 -24.75
CA ASP E 111 5.13 8.48 -25.19
C ASP E 111 5.40 7.09 -25.73
N GLN E 112 4.38 6.24 -25.67
CA GLN E 112 4.51 4.84 -26.06
C GLN E 112 3.97 4.57 -27.45
N CYS E 113 2.72 4.97 -27.72
CA CYS E 113 2.11 4.63 -29.00
C CYS E 113 0.95 5.59 -29.26
N ARG E 114 0.32 5.42 -30.43
CA ARG E 114 -0.72 6.34 -30.85
C ARG E 114 -1.82 5.54 -31.54
N ILE E 115 -3.06 5.94 -31.30
CA ILE E 115 -4.20 5.48 -32.08
C ILE E 115 -4.77 6.68 -32.82
N LEU E 116 -4.96 6.54 -34.13
CA LEU E 116 -5.51 7.59 -34.98
C LEU E 116 -6.88 7.16 -35.49
N TRP E 117 -7.77 8.12 -35.71
CA TRP E 117 -9.08 7.80 -36.27
C TRP E 117 -9.49 8.84 -37.30
N LYS E 118 -10.39 8.43 -38.20
CA LYS E 118 -10.91 9.31 -39.23
C LYS E 118 -12.21 8.73 -39.76
N GLY E 119 -13.29 9.51 -39.68
CA GLY E 119 -14.57 9.08 -40.21
C GLY E 119 -14.82 9.59 -41.62
N ASN E 120 -15.57 8.81 -42.39
CA ASN E 120 -15.95 9.20 -43.74
C ASN E 120 -17.42 9.52 -43.86
N GLY E 121 -18.15 9.59 -42.74
CA GLY E 121 -19.54 9.96 -42.76
C GLY E 121 -19.72 11.47 -42.84
N LYS E 122 -20.94 11.91 -42.56
CA LYS E 122 -21.30 13.30 -42.72
C LYS E 122 -21.04 14.09 -41.44
N SER E 123 -20.49 15.30 -41.61
CA SER E 123 -20.26 16.20 -40.49
C SER E 123 -21.54 16.56 -39.74
N SER E 124 -22.69 16.45 -40.38
CA SER E 124 -23.95 16.86 -39.79
C SER E 124 -24.59 15.75 -38.97
N ASP E 125 -24.04 14.53 -39.02
CA ASP E 125 -24.66 13.39 -38.41
C ASP E 125 -23.90 12.98 -37.16
N PRO E 126 -24.52 13.00 -35.99
CA PRO E 126 -23.87 12.43 -34.81
C PRO E 126 -23.46 10.99 -35.06
N ALA E 127 -22.26 10.64 -34.60
CA ALA E 127 -21.74 9.29 -34.76
C ALA E 127 -21.73 8.52 -33.45
N GLY E 128 -21.14 9.07 -32.41
CA GLY E 128 -21.12 8.41 -31.13
C GLY E 128 -19.91 8.88 -30.32
N SER E 129 -19.30 7.94 -29.62
CA SER E 129 -18.21 8.27 -28.72
C SER E 129 -17.23 7.11 -28.68
N PHE E 130 -16.00 7.42 -28.28
CA PHE E 130 -15.00 6.41 -27.93
C PHE E 130 -14.98 6.24 -26.42
N ARG E 131 -14.94 4.98 -25.97
CA ARG E 131 -14.58 4.65 -24.59
C ARG E 131 -13.26 3.88 -24.66
N VAL E 132 -12.23 4.40 -23.99
CA VAL E 132 -10.89 3.82 -24.07
C VAL E 132 -10.48 3.34 -22.69
N THR E 133 -10.09 2.08 -22.59
CA THR E 133 -9.64 1.47 -21.34
C THR E 133 -8.20 1.06 -21.51
N ILE E 134 -7.34 1.48 -20.58
CA ILE E 134 -5.93 1.16 -20.66
C ILE E 134 -5.51 0.49 -19.36
N LYS E 135 -4.65 -0.51 -19.48
CA LYS E 135 -4.00 -1.15 -18.35
C LYS E 135 -2.54 -0.70 -18.38
N VAL E 136 -2.06 -0.13 -17.28
CA VAL E 136 -0.70 0.41 -17.25
C VAL E 136 0.06 -0.28 -16.13
N ALA E 137 1.26 -0.76 -16.46
CA ALA E 137 2.20 -1.25 -15.47
C ALA E 137 3.12 -0.11 -15.05
N LEU E 138 3.48 -0.09 -13.76
CA LEU E 138 4.27 1.01 -13.20
C LEU E 138 5.38 0.45 -12.33
N GLN E 139 6.55 1.09 -12.38
CA GLN E 139 7.59 0.69 -11.45
C GLN E 139 8.52 1.84 -11.13
N ASN E 140 9.26 1.68 -10.02
CA ASN E 140 10.30 2.59 -9.56
C ASN E 140 9.67 3.91 -9.14
N PRO E 141 9.05 3.96 -7.97
CA PRO E 141 8.36 5.19 -7.56
C PRO E 141 9.35 6.34 -7.39
N LYS E 142 8.82 7.55 -7.58
CA LYS E 142 9.62 8.75 -7.46
C LYS E 142 8.88 9.80 -6.62
N SER F 2 -27.58 -18.46 1.63
CA SER F 2 -28.39 -17.83 0.61
C SER F 2 -27.57 -17.67 -0.67
N SER F 3 -28.25 -17.84 -1.81
CA SER F 3 -27.58 -17.85 -3.11
C SER F 3 -28.64 -17.71 -4.19
N GLU F 4 -28.18 -17.39 -5.40
CA GLU F 4 -29.06 -17.19 -6.54
C GLU F 4 -28.37 -17.74 -7.78
N THR F 5 -29.15 -18.18 -8.74
CA THR F 5 -28.64 -18.59 -10.03
C THR F 5 -29.15 -17.64 -11.10
N PHE F 6 -28.28 -17.27 -12.04
CA PHE F 6 -28.64 -16.37 -13.13
C PHE F 6 -28.17 -16.96 -14.45
N VAL F 7 -28.99 -16.80 -15.49
CA VAL F 7 -28.62 -17.13 -16.85
C VAL F 7 -28.61 -15.84 -17.65
N PHE F 8 -27.54 -15.61 -18.40
CA PHE F 8 -27.49 -14.47 -19.30
C PHE F 8 -26.83 -14.92 -20.60
N THR F 9 -26.95 -14.08 -21.61
CA THR F 9 -26.49 -14.45 -22.94
C THR F 9 -25.66 -13.32 -23.54
N LYS F 10 -24.83 -13.70 -24.51
CA LYS F 10 -24.14 -12.74 -25.36
C LYS F 10 -24.46 -13.18 -26.77
N ASP F 11 -25.19 -12.34 -27.50
CA ASP F 11 -25.79 -12.81 -28.73
C ASP F 11 -25.08 -12.22 -29.93
N ASN F 12 -25.43 -12.78 -31.09
CA ASN F 12 -24.99 -12.27 -32.39
C ASN F 12 -23.45 -12.28 -32.51
N LEU F 13 -22.83 -13.34 -32.00
CA LEU F 13 -21.41 -13.52 -32.21
C LEU F 13 -21.16 -13.83 -33.68
N VAL F 14 -20.11 -13.23 -34.23
CA VAL F 14 -19.64 -13.58 -35.57
C VAL F 14 -18.30 -14.29 -35.43
N GLY F 15 -17.78 -14.78 -36.56
CA GLY F 15 -16.64 -15.68 -36.52
C GLY F 15 -15.38 -15.08 -35.89
N ASN F 16 -15.23 -13.76 -35.96
CA ASN F 16 -14.06 -13.10 -35.37
C ASN F 16 -14.40 -12.30 -34.12
N THR F 17 -15.50 -12.62 -33.44
CA THR F 17 -15.84 -11.86 -32.24
C THR F 17 -14.74 -12.00 -31.18
N GLN F 18 -14.54 -10.91 -30.45
CA GLN F 18 -13.64 -10.89 -29.30
C GLN F 18 -14.35 -10.15 -28.18
N GLY F 19 -14.06 -10.53 -26.94
CA GLY F 19 -14.68 -9.86 -25.82
C GLY F 19 -14.32 -10.52 -24.50
N SER F 20 -14.99 -10.06 -23.46
CA SER F 20 -14.79 -10.64 -22.14
C SER F 20 -16.03 -10.46 -21.28
N PHE F 21 -16.21 -11.38 -20.34
CA PHE F 21 -17.16 -11.22 -19.23
C PHE F 21 -16.33 -11.00 -17.98
N THR F 22 -16.58 -9.90 -17.28
CA THR F 22 -15.96 -9.67 -15.97
C THR F 22 -17.03 -9.89 -14.92
N PHE F 23 -16.86 -10.96 -14.13
CA PHE F 23 -17.90 -11.37 -13.19
C PHE F 23 -17.79 -10.55 -11.91
N GLY F 24 -18.87 -9.87 -11.57
CA GLY F 24 -18.88 -8.92 -10.49
C GLY F 24 -19.67 -7.69 -10.90
N PRO F 25 -19.42 -6.56 -10.24
CA PRO F 25 -20.11 -5.32 -10.62
C PRO F 25 -19.90 -4.92 -12.07
N SER F 26 -18.86 -5.44 -12.75
CA SER F 26 -18.57 -5.11 -14.13
C SER F 26 -19.27 -6.03 -15.14
N LEU F 27 -20.20 -6.86 -14.69
CA LEU F 27 -20.86 -7.84 -15.57
C LEU F 27 -22.05 -7.16 -16.25
N SER F 28 -21.74 -6.31 -17.24
CA SER F 28 -22.78 -5.55 -17.91
C SER F 28 -23.74 -6.45 -18.68
N ASP F 29 -23.33 -7.65 -19.09
CA ASP F 29 -24.26 -8.51 -19.81
C ASP F 29 -25.31 -9.13 -18.90
N CYS F 30 -25.29 -8.87 -17.60
CA CYS F 30 -26.29 -9.40 -16.67
C CYS F 30 -26.72 -8.31 -15.70
N PRO F 31 -27.67 -7.46 -16.11
CA PRO F 31 -28.15 -6.41 -15.19
C PRO F 31 -28.87 -6.95 -13.97
N ALA F 32 -29.58 -8.08 -14.09
CA ALA F 32 -30.31 -8.64 -12.95
C ALA F 32 -29.37 -8.93 -11.78
N PHE F 33 -28.13 -9.29 -12.08
CA PHE F 33 -27.15 -9.58 -11.04
C PHE F 33 -26.42 -8.33 -10.58
N LYS F 34 -25.84 -7.60 -11.54
CA LYS F 34 -24.98 -6.47 -11.22
C LYS F 34 -25.74 -5.35 -10.52
N ASP F 35 -26.93 -5.02 -11.02
CA ASP F 35 -27.69 -3.88 -10.51
C ASP F 35 -28.72 -4.24 -9.45
N GLY F 36 -29.05 -5.52 -9.29
CA GLY F 36 -30.10 -5.98 -8.43
C GLY F 36 -29.52 -6.48 -7.12
N ILE F 37 -29.34 -7.80 -7.01
CA ILE F 37 -29.01 -8.39 -5.73
C ILE F 37 -27.57 -8.10 -5.30
N LEU F 38 -26.67 -7.78 -6.24
CA LEU F 38 -25.33 -7.41 -5.82
C LEU F 38 -25.35 -6.14 -4.96
N LYS F 39 -26.25 -5.21 -5.26
CA LYS F 39 -26.43 -3.99 -4.46
C LYS F 39 -27.13 -4.27 -3.14
N ALA F 40 -27.57 -5.50 -2.88
CA ALA F 40 -28.33 -5.83 -1.69
C ALA F 40 -27.51 -6.58 -0.64
N TYR F 41 -26.23 -6.83 -0.90
CA TYR F 41 -25.38 -7.58 0.02
C TYR F 41 -24.00 -6.95 0.07
N HIS F 42 -23.31 -7.12 1.21
CA HIS F 42 -21.95 -6.60 1.32
C HIS F 42 -20.93 -7.48 0.62
N GLU F 43 -21.19 -8.80 0.54
CA GLU F 43 -20.22 -9.74 0.03
C GLU F 43 -20.90 -10.75 -0.88
N TYR F 44 -20.12 -11.27 -1.84
CA TYR F 44 -20.61 -12.31 -2.73
C TYR F 44 -19.44 -13.19 -3.15
N LYS F 45 -19.77 -14.37 -3.66
CA LYS F 45 -18.78 -15.14 -4.41
C LYS F 45 -19.53 -16.01 -5.40
N ILE F 46 -19.05 -16.03 -6.63
CA ILE F 46 -19.62 -16.89 -7.65
C ILE F 46 -18.97 -18.26 -7.49
N THR F 47 -19.79 -19.28 -7.26
CA THR F 47 -19.26 -20.60 -6.94
C THR F 47 -19.32 -21.57 -8.10
N SER F 48 -19.95 -21.18 -9.21
CA SER F 48 -20.09 -22.03 -10.38
C SER F 48 -20.31 -21.14 -11.60
N ILE F 49 -19.63 -21.46 -12.70
CA ILE F 49 -19.86 -20.81 -14.00
C ILE F 49 -20.04 -21.90 -15.05
N LEU F 50 -21.16 -21.88 -15.76
CA LEU F 50 -21.31 -22.73 -16.94
C LEU F 50 -21.28 -21.83 -18.18
N LEU F 51 -20.29 -22.07 -19.04
CA LEU F 51 -20.09 -21.30 -20.26
C LEU F 51 -20.47 -22.19 -21.44
N GLN F 52 -21.55 -21.83 -22.11
CA GLN F 52 -22.04 -22.56 -23.27
C GLN F 52 -21.91 -21.71 -24.52
N PHE F 53 -21.27 -22.26 -25.56
CA PHE F 53 -21.35 -21.68 -26.88
C PHE F 53 -22.40 -22.45 -27.67
N VAL F 54 -23.46 -21.76 -28.08
CA VAL F 54 -24.55 -22.32 -28.85
C VAL F 54 -24.34 -21.88 -30.29
N SER F 55 -24.12 -22.82 -31.19
CA SER F 55 -23.68 -22.45 -32.52
C SER F 55 -24.90 -22.19 -33.41
N GLU F 56 -24.83 -21.11 -34.18
CA GLU F 56 -25.77 -20.84 -35.25
C GLU F 56 -25.15 -21.08 -36.62
N ALA F 57 -23.98 -21.74 -36.65
CA ALA F 57 -23.20 -21.83 -37.86
C ALA F 57 -23.67 -22.96 -38.77
N SER F 58 -23.56 -22.73 -40.06
CA SER F 58 -23.74 -23.78 -41.06
C SER F 58 -22.70 -24.89 -40.88
N SER F 59 -23.03 -26.09 -41.35
CA SER F 59 -22.11 -27.20 -41.20
C SER F 59 -20.84 -27.03 -42.03
N THR F 60 -20.81 -26.07 -42.96
CA THR F 60 -19.63 -25.78 -43.76
C THR F 60 -18.87 -24.55 -43.27
N SER F 61 -19.19 -24.05 -42.08
CA SER F 61 -18.46 -22.92 -41.53
C SER F 61 -17.09 -23.36 -41.02
N SER F 62 -16.26 -22.39 -40.68
CA SER F 62 -14.87 -22.60 -40.33
C SER F 62 -14.53 -21.83 -39.06
N GLY F 63 -13.34 -22.13 -38.49
CA GLY F 63 -12.81 -21.38 -37.36
C GLY F 63 -13.18 -21.95 -36.00
N SER F 64 -12.61 -21.33 -34.97
CA SER F 64 -12.91 -21.70 -33.59
C SER F 64 -13.00 -20.45 -32.73
N ILE F 65 -13.60 -20.60 -31.55
CA ILE F 65 -13.64 -19.55 -30.55
C ILE F 65 -12.80 -20.02 -29.37
N ALA F 66 -11.66 -19.37 -29.18
CA ALA F 66 -10.84 -19.61 -28.01
C ALA F 66 -11.46 -18.94 -26.79
N TYR F 67 -11.29 -19.57 -25.63
CA TYR F 67 -11.75 -18.97 -24.40
C TYR F 67 -10.76 -19.24 -23.28
N GLU F 68 -10.66 -18.27 -22.37
CA GLU F 68 -9.62 -18.29 -21.35
C GLU F 68 -10.20 -17.76 -20.05
N LEU F 69 -9.96 -18.48 -18.97
CA LEU F 69 -10.40 -18.06 -17.65
C LEU F 69 -9.23 -17.36 -16.97
N ASP F 70 -9.45 -16.11 -16.58
CA ASP F 70 -8.49 -15.23 -15.92
C ASP F 70 -9.00 -14.99 -14.50
N PRO F 71 -8.57 -15.78 -13.51
CA PRO F 71 -9.23 -15.78 -12.19
C PRO F 71 -8.90 -14.57 -11.33
N HIS F 72 -8.06 -13.66 -11.80
CA HIS F 72 -7.71 -12.47 -11.01
C HIS F 72 -7.87 -11.19 -11.81
N CYS F 73 -8.56 -11.23 -12.94
CA CYS F 73 -8.86 -10.02 -13.71
C CYS F 73 -7.58 -9.30 -14.11
N LYS F 74 -6.55 -10.08 -14.49
CA LYS F 74 -5.25 -9.53 -14.87
C LYS F 74 -4.99 -9.56 -16.37
N VAL F 75 -5.86 -10.23 -17.15
CA VAL F 75 -5.72 -10.34 -18.59
C VAL F 75 -6.88 -9.58 -19.21
N SER F 76 -6.59 -8.66 -20.13
CA SER F 76 -7.66 -7.87 -20.74
C SER F 76 -8.11 -8.38 -22.10
N SER F 77 -7.34 -9.25 -22.74
CA SER F 77 -7.78 -9.87 -23.98
C SER F 77 -7.11 -11.22 -24.11
N LEU F 78 -7.78 -12.13 -24.82
CA LEU F 78 -7.34 -13.52 -24.85
C LEU F 78 -5.91 -13.62 -25.34
N GLN F 79 -5.11 -14.40 -24.60
CA GLN F 79 -3.74 -14.71 -24.97
C GLN F 79 -3.45 -16.20 -25.05
N SER F 80 -4.21 -17.05 -24.36
CA SER F 80 -3.98 -18.48 -24.31
C SER F 80 -4.97 -19.20 -25.23
N TYR F 81 -4.47 -20.10 -26.06
CA TYR F 81 -5.32 -20.84 -27.00
C TYR F 81 -5.51 -22.30 -26.59
N VAL F 82 -5.25 -22.62 -25.32
CA VAL F 82 -5.40 -23.98 -24.82
C VAL F 82 -6.83 -24.49 -24.99
N ASN F 83 -7.81 -23.61 -24.81
CA ASN F 83 -9.21 -24.02 -24.76
C ASN F 83 -9.97 -23.34 -25.90
N LYS F 84 -10.76 -24.11 -26.64
CA LYS F 84 -11.55 -23.49 -27.70
C LYS F 84 -12.74 -24.38 -28.05
N PHE F 85 -13.78 -23.73 -28.58
CA PHE F 85 -14.93 -24.40 -29.17
C PHE F 85 -14.83 -24.30 -30.69
N GLN F 86 -15.15 -25.39 -31.36
CA GLN F 86 -15.30 -25.33 -32.81
C GLN F 86 -16.58 -24.57 -33.15
N ILE F 87 -16.47 -23.63 -34.09
CA ILE F 87 -17.62 -22.76 -34.38
C ILE F 87 -18.81 -23.59 -34.86
N THR F 88 -18.55 -24.61 -35.68
CA THR F 88 -19.65 -25.42 -36.22
C THR F 88 -20.34 -26.27 -35.15
N LYS F 89 -19.69 -26.57 -34.04
CA LYS F 89 -20.25 -27.49 -33.07
C LYS F 89 -20.73 -26.83 -31.80
N GLY F 90 -20.09 -25.77 -31.37
CA GLY F 90 -20.42 -25.30 -30.04
C GLY F 90 -19.78 -26.23 -29.01
N GLY F 91 -20.16 -25.99 -27.77
CA GLY F 91 -19.62 -26.75 -26.66
C GLY F 91 -19.91 -26.06 -25.36
N ALA F 92 -19.36 -26.63 -24.29
CA ALA F 92 -19.62 -26.12 -22.96
C ALA F 92 -18.43 -26.39 -22.06
N LYS F 93 -18.26 -25.53 -21.05
CA LYS F 93 -17.23 -25.69 -20.04
C LYS F 93 -17.83 -25.27 -18.71
N THR F 94 -17.72 -26.13 -17.72
CA THR F 94 -18.17 -25.83 -16.37
C THR F 94 -16.95 -25.56 -15.50
N TYR F 95 -16.97 -24.45 -14.76
CA TYR F 95 -15.93 -24.06 -13.83
C TYR F 95 -16.45 -24.14 -12.41
N GLN F 96 -15.67 -24.75 -11.52
CA GLN F 96 -16.02 -24.84 -10.12
C GLN F 96 -15.33 -23.74 -9.31
N ALA F 97 -15.85 -23.51 -8.11
CA ALA F 97 -15.41 -22.36 -7.30
C ALA F 97 -13.90 -22.27 -7.18
N ARG F 98 -13.23 -23.40 -7.00
CA ARG F 98 -11.80 -23.36 -6.72
CA ARG F 98 -11.80 -23.39 -6.73
C ARG F 98 -10.98 -22.87 -7.91
N MET F 99 -11.52 -22.93 -9.13
CA MET F 99 -10.80 -22.47 -10.30
CA MET F 99 -10.80 -22.47 -10.30
C MET F 99 -11.08 -21.02 -10.64
N ILE F 100 -12.10 -20.41 -10.04
CA ILE F 100 -12.57 -19.10 -10.47
C ILE F 100 -12.52 -18.05 -9.37
N ASN F 101 -11.62 -18.22 -8.39
CA ASN F 101 -11.51 -17.26 -7.29
C ASN F 101 -12.84 -17.15 -6.53
N GLY F 102 -13.50 -18.28 -6.37
CA GLY F 102 -14.80 -18.33 -5.74
C GLY F 102 -14.78 -19.03 -4.39
N VAL F 103 -13.64 -19.04 -3.71
CA VAL F 103 -13.59 -19.72 -2.43
C VAL F 103 -13.61 -18.71 -1.28
N GLU F 104 -13.12 -17.50 -1.53
CA GLU F 104 -13.15 -16.45 -0.52
C GLU F 104 -14.23 -15.44 -0.85
N TRP F 105 -14.79 -14.81 0.18
CA TRP F 105 -15.82 -13.81 -0.04
C TRP F 105 -15.22 -12.55 -0.63
N HIS F 106 -15.93 -11.94 -1.57
CA HIS F 106 -15.51 -10.69 -2.20
C HIS F 106 -16.46 -9.56 -1.82
N ASP F 107 -15.91 -8.36 -1.67
CA ASP F 107 -16.74 -7.18 -1.53
C ASP F 107 -17.59 -6.99 -2.78
N SER F 108 -18.84 -6.58 -2.57
CA SER F 108 -19.76 -6.45 -3.70
C SER F 108 -19.36 -5.37 -4.70
N SER F 109 -18.36 -4.53 -4.37
CA SER F 109 -17.85 -3.55 -5.32
C SER F 109 -16.61 -4.05 -6.06
N GLU F 110 -16.16 -5.28 -5.81
CA GLU F 110 -14.96 -5.83 -6.42
C GLU F 110 -15.33 -6.94 -7.39
N ASP F 111 -14.61 -7.01 -8.51
CA ASP F 111 -14.81 -8.10 -9.48
C ASP F 111 -14.05 -9.35 -9.06
N GLN F 112 -14.60 -10.52 -9.38
CA GLN F 112 -14.03 -11.81 -8.96
C GLN F 112 -13.14 -12.47 -10.00
N CYS F 113 -13.60 -12.59 -11.26
CA CYS F 113 -12.84 -13.28 -12.29
C CYS F 113 -13.34 -12.81 -13.64
N ARG F 114 -12.67 -13.28 -14.68
CA ARG F 114 -12.98 -12.86 -16.03
C ARG F 114 -12.86 -14.04 -16.98
N ILE F 115 -13.76 -14.11 -17.96
CA ILE F 115 -13.62 -15.03 -19.07
C ILE F 115 -13.37 -14.21 -20.32
N LEU F 116 -12.33 -14.55 -21.08
CA LEU F 116 -12.06 -13.89 -22.34
C LEU F 116 -12.32 -14.84 -23.50
N TRP F 117 -12.67 -14.28 -24.65
CA TRP F 117 -12.86 -15.09 -25.85
C TRP F 117 -12.38 -14.34 -27.08
N LYS F 118 -12.03 -15.11 -28.09
CA LYS F 118 -11.56 -14.55 -29.36
C LYS F 118 -11.77 -15.59 -30.45
N GLY F 119 -12.52 -15.24 -31.49
CA GLY F 119 -12.74 -16.12 -32.62
C GLY F 119 -11.80 -15.83 -33.77
N ASN F 120 -11.51 -16.86 -34.56
CA ASN F 120 -10.71 -16.69 -35.76
C ASN F 120 -11.45 -17.12 -37.02
N GLY F 121 -12.78 -17.22 -36.94
CA GLY F 121 -13.60 -17.33 -38.13
C GLY F 121 -13.74 -15.98 -38.80
N LYS F 122 -14.70 -15.91 -39.73
CA LYS F 122 -14.85 -14.72 -40.54
C LYS F 122 -15.88 -13.77 -39.93
N SER F 123 -15.59 -12.48 -40.00
CA SER F 123 -16.41 -11.44 -39.41
C SER F 123 -17.78 -11.31 -40.05
N SER F 124 -17.95 -11.81 -41.26
CA SER F 124 -19.24 -11.72 -41.92
C SER F 124 -20.11 -12.95 -41.68
N ASP F 125 -19.61 -13.95 -40.96
CA ASP F 125 -20.32 -15.20 -40.76
C ASP F 125 -20.85 -15.28 -39.34
N PRO F 126 -22.17 -15.26 -39.13
CA PRO F 126 -22.68 -15.47 -37.77
C PRO F 126 -22.19 -16.79 -37.19
N ALA F 127 -21.70 -16.73 -35.95
CA ALA F 127 -21.18 -17.89 -35.25
C ALA F 127 -22.18 -18.49 -34.27
N GLY F 128 -22.81 -17.66 -33.47
CA GLY F 128 -23.77 -18.14 -32.49
C GLY F 128 -23.86 -17.17 -31.32
N SER F 129 -24.00 -17.75 -30.13
CA SER F 129 -24.16 -16.97 -28.90
C SER F 129 -23.51 -17.71 -27.75
N PHE F 130 -23.22 -16.96 -26.68
CA PHE F 130 -22.86 -17.55 -25.40
C PHE F 130 -24.10 -17.55 -24.50
N ARG F 131 -24.30 -18.65 -23.78
CA ARG F 131 -25.25 -18.72 -22.68
C ARG F 131 -24.46 -19.02 -21.43
N VAL F 132 -24.57 -18.18 -20.41
CA VAL F 132 -23.71 -18.26 -19.23
C VAL F 132 -24.62 -18.42 -18.02
N THR F 133 -24.39 -19.48 -17.25
CA THR F 133 -25.14 -19.73 -16.03
C THR F 133 -24.20 -19.60 -14.84
N ILE F 134 -24.57 -18.76 -13.88
CA ILE F 134 -23.76 -18.58 -12.68
C ILE F 134 -24.61 -18.87 -11.45
N LYS F 135 -23.96 -19.49 -10.45
CA LYS F 135 -24.51 -19.59 -9.11
C LYS F 135 -23.69 -18.67 -8.21
N VAL F 136 -24.38 -17.81 -7.47
CA VAL F 136 -23.73 -16.78 -6.66
C VAL F 136 -24.14 -16.95 -5.21
N ALA F 137 -23.14 -17.05 -4.32
CA ALA F 137 -23.40 -17.03 -2.89
C ALA F 137 -23.33 -15.60 -2.37
N LEU F 138 -24.18 -15.27 -1.39
CA LEU F 138 -24.35 -13.90 -0.94
C LEU F 138 -24.37 -13.87 0.57
N GLN F 139 -23.80 -12.82 1.17
CA GLN F 139 -23.92 -12.75 2.62
C GLN F 139 -23.86 -11.31 3.09
N ASN F 140 -24.38 -11.09 4.30
CA ASN F 140 -24.37 -9.80 4.97
C ASN F 140 -25.26 -8.82 4.21
N PRO F 141 -26.58 -8.93 4.32
CA PRO F 141 -27.43 -8.02 3.56
C PRO F 141 -27.29 -6.60 4.04
N LYS F 142 -27.53 -5.66 3.13
CA LYS F 142 -27.48 -4.24 3.44
C LYS F 142 -28.84 -3.60 3.18
#